data_8DJE
#
_entry.id   8DJE
#
_cell.length_a   83.144
_cell.length_b   83.763
_cell.length_c   176.952
_cell.angle_alpha   90.000
_cell.angle_beta   90.000
_cell.angle_gamma   90.000
#
_symmetry.space_group_name_H-M   'P 21 21 21'
#
loop_
_entity.id
_entity.type
_entity.pdbx_description
1 polymer 'Glycogen synthase kinase-3 beta'
2 non-polymer (4S)-3-[(cyclopropylmethyl)amino]-N-(4-phenylpyridin-3-yl)imidazo[1,2-b]pyridazine-8-carboxamide
3 water water
#
_entity_poly.entity_id   1
_entity_poly.type   'polypeptide(L)'
_entity_poly.pdbx_seq_one_letter_code
;MHSSHHHHHHSSGENLYFQGHMSGRPRTTSFAESCKPVQQPSAFGSMKVSRDKDGSKVTTVVATPGQGPDRPQEVSYTDT
KVIGNGSFGVVYQAKLCDSGELVAIKKVLQDKRFKNRELQIMRKLDHCNIVRLRYFFYSSGEKKDEVYLNLVLDYVPETV
YRVARHYSRAKQTLPVIYVKLYMYQLFRSLAYIHSFGICHRDIKPQNLLLDPDTAVLKLCDFGSAKQLVRGEPNVSYICS
RYYRAPELIFGATDYTSSIDVWSAGCVLAELLLGQPIFPGDSGVDQLVEIIKVLGTPTREQIREMNPNYTEFKFPQIKAH
PWTKVFRPRTPPEAIALCSRLLEYTPTARLTPLEACAHSFFDELRDPNVKLPNGRDTPALFNFTTQELSSNPPLATILIP
PHARIQAAASTPTNATAASDANTGDRGQTNNAASASASNST
;
_entity_poly.pdbx_strand_id   A,B
#
# COMPACT_ATOMS: atom_id res chain seq x y z
N LYS A 57 -6.54 -38.50 10.21
CA LYS A 57 -5.08 -38.33 10.40
C LYS A 57 -4.78 -37.55 11.70
N VAL A 58 -4.17 -38.23 12.70
CA VAL A 58 -3.82 -37.63 13.98
C VAL A 58 -2.33 -37.33 14.00
N THR A 59 -1.94 -36.08 14.27
CA THR A 59 -0.54 -35.69 14.34
C THR A 59 -0.13 -35.58 15.79
N THR A 60 0.96 -36.25 16.20
CA THR A 60 1.44 -36.12 17.58
C THR A 60 2.79 -35.42 17.57
N VAL A 61 2.91 -34.37 18.37
CA VAL A 61 4.14 -33.59 18.49
C VAL A 61 4.54 -33.47 19.96
N VAL A 62 5.79 -33.08 20.22
CA VAL A 62 6.23 -32.79 21.57
C VAL A 62 6.43 -31.27 21.59
N ALA A 63 5.42 -30.58 22.11
CA ALA A 63 5.34 -29.13 22.13
C ALA A 63 5.63 -28.57 23.50
N THR A 64 6.24 -27.41 23.53
CA THR A 64 6.61 -26.75 24.76
C THR A 64 5.48 -25.80 25.13
N PRO A 65 4.92 -25.85 26.38
CA PRO A 65 3.88 -24.88 26.74
C PRO A 65 4.36 -23.43 26.58
N GLY A 66 3.45 -22.54 26.20
CA GLY A 66 3.77 -21.15 25.91
C GLY A 66 4.26 -20.37 27.10
N GLN A 67 3.66 -20.61 28.25
CA GLN A 67 4.01 -19.93 29.50
C GLN A 67 4.55 -20.97 30.52
N GLY A 68 5.25 -20.50 31.54
CA GLY A 68 5.80 -21.37 32.57
C GLY A 68 7.13 -21.99 32.21
N PRO A 69 7.57 -23.01 32.98
CA PRO A 69 8.88 -23.63 32.68
C PRO A 69 8.90 -24.41 31.36
N ASP A 70 10.08 -24.54 30.75
CA ASP A 70 10.23 -25.25 29.48
C ASP A 70 10.15 -26.77 29.66
N ARG A 71 8.93 -27.29 29.81
CA ARG A 71 8.68 -28.70 30.02
C ARG A 71 7.75 -29.23 28.92
N PRO A 72 8.33 -29.71 27.83
CA PRO A 72 7.52 -30.20 26.71
C PRO A 72 6.55 -31.32 27.04
N GLN A 73 5.46 -31.42 26.28
CA GLN A 73 4.48 -32.50 26.45
C GLN A 73 3.96 -33.01 25.13
N GLU A 74 3.48 -34.24 25.10
CA GLU A 74 2.93 -34.82 23.90
C GLU A 74 1.55 -34.18 23.63
N VAL A 75 1.41 -33.55 22.46
CA VAL A 75 0.18 -32.88 22.04
C VAL A 75 -0.28 -33.53 20.73
N SER A 76 -1.51 -34.01 20.72
CA SER A 76 -2.08 -34.66 19.54
C SER A 76 -3.19 -33.79 18.96
N TYR A 77 -3.19 -33.61 17.64
CA TYR A 77 -4.22 -32.83 16.98
C TYR A 77 -4.66 -33.47 15.64
N THR A 78 -5.85 -33.11 15.16
CA THR A 78 -6.42 -33.63 13.91
C THR A 78 -7.25 -32.53 13.20
N ASP A 79 -7.95 -32.85 12.07
CA ASP A 79 -8.82 -31.93 11.32
C ASP A 79 -8.14 -30.63 10.93
N THR A 80 -6.91 -30.74 10.45
CA THR A 80 -6.08 -29.62 10.03
C THR A 80 -6.53 -29.04 8.70
N LYS A 81 -6.65 -27.71 8.64
CA LYS A 81 -7.03 -27.00 7.42
C LYS A 81 -6.42 -25.60 7.40
N VAL A 82 -6.02 -25.08 6.24
CA VAL A 82 -5.47 -23.74 6.12
C VAL A 82 -6.57 -22.70 6.35
N ILE A 83 -6.33 -21.71 7.21
CA ILE A 83 -7.27 -20.62 7.48
C ILE A 83 -6.66 -19.22 7.17
N GLY A 84 -5.39 -19.19 6.82
CA GLY A 84 -4.66 -17.97 6.54
C GLY A 84 -3.36 -18.25 5.82
N ASN A 85 -3.02 -17.35 4.93
CA ASN A 85 -1.84 -17.40 4.09
C ASN A 85 -1.24 -15.99 4.04
N GLY A 86 0.04 -15.91 3.69
CA GLY A 86 0.70 -14.63 3.59
C GLY A 86 2.19 -14.76 3.43
N SER A 87 2.87 -13.62 3.32
CA SER A 87 4.33 -13.64 3.17
C SER A 87 5.01 -14.20 4.43
N PHE A 88 4.35 -14.09 5.62
CA PHE A 88 4.83 -14.60 6.90
C PHE A 88 4.93 -16.14 6.91
N GLY A 89 4.00 -16.81 6.23
CA GLY A 89 3.86 -18.26 6.22
C GLY A 89 2.39 -18.68 6.17
N VAL A 90 2.00 -19.71 6.96
CA VAL A 90 0.63 -20.24 6.94
C VAL A 90 0.02 -20.38 8.33
N VAL A 91 -1.29 -20.10 8.46
CA VAL A 91 -2.03 -20.30 9.69
C VAL A 91 -3.02 -21.41 9.40
N TYR A 92 -3.04 -22.43 10.26
CA TYR A 92 -3.91 -23.59 10.16
C TYR A 92 -4.89 -23.60 11.30
N GLN A 93 -6.01 -24.28 11.13
CA GLN A 93 -6.92 -24.58 12.22
C GLN A 93 -6.71 -26.09 12.49
N ALA A 94 -6.80 -26.51 13.74
CA ALA A 94 -6.67 -27.91 14.12
C ALA A 94 -7.52 -28.18 15.36
N LYS A 95 -7.84 -29.45 15.61
CA LYS A 95 -8.63 -29.83 16.77
C LYS A 95 -7.75 -30.67 17.68
N LEU A 96 -7.68 -30.31 18.96
CA LEU A 96 -6.89 -31.05 19.93
C LEU A 96 -7.65 -32.32 20.30
N CYS A 97 -7.05 -33.49 20.08
CA CYS A 97 -7.68 -34.78 20.38
C CYS A 97 -8.14 -34.91 21.83
N ASP A 98 -7.32 -34.42 22.75
CA ASP A 98 -7.59 -34.49 24.18
C ASP A 98 -8.90 -33.82 24.62
N SER A 99 -9.09 -32.51 24.35
CA SER A 99 -10.26 -31.74 24.78
C SER A 99 -11.28 -31.42 23.69
N GLY A 100 -10.92 -31.66 22.44
CA GLY A 100 -11.78 -31.30 21.31
C GLY A 100 -11.72 -29.82 20.97
N GLU A 101 -10.89 -29.03 21.69
CA GLU A 101 -10.72 -27.61 21.50
C GLU A 101 -10.09 -27.31 20.18
N LEU A 102 -10.56 -26.22 19.56
CA LEU A 102 -10.03 -25.75 18.30
C LEU A 102 -8.88 -24.81 18.59
N VAL A 103 -7.82 -24.92 17.79
CA VAL A 103 -6.64 -24.09 17.94
C VAL A 103 -6.22 -23.59 16.57
N ALA A 104 -5.39 -22.57 16.53
CA ALA A 104 -4.80 -22.06 15.31
C ALA A 104 -3.30 -22.36 15.41
N ILE A 105 -2.66 -22.73 14.29
CA ILE A 105 -1.23 -23.01 14.28
C ILE A 105 -0.57 -22.10 13.25
N LYS A 106 0.24 -21.14 13.71
CA LYS A 106 0.99 -20.29 12.81
C LYS A 106 2.32 -20.98 12.53
N LYS A 107 2.59 -21.30 11.28
CA LYS A 107 3.80 -21.97 10.87
C LYS A 107 4.65 -21.01 10.08
N VAL A 108 5.89 -20.75 10.55
CA VAL A 108 6.83 -19.84 9.90
C VAL A 108 8.20 -20.51 9.77
N LEU A 109 8.98 -20.08 8.78
CA LEU A 109 10.33 -20.57 8.55
C LEU A 109 11.21 -20.04 9.67
N GLN A 110 11.88 -20.93 10.40
CA GLN A 110 12.73 -20.54 11.52
C GLN A 110 14.17 -20.27 11.07
N ASP A 111 14.64 -19.03 11.35
CA ASP A 111 16.01 -18.61 11.03
C ASP A 111 17.01 -19.36 11.91
N LYS A 112 18.09 -19.86 11.29
CA LYS A 112 19.12 -20.58 12.04
C LYS A 112 20.07 -19.63 12.82
N ARG A 113 20.15 -18.35 12.42
CA ARG A 113 21.04 -17.36 13.03
C ARG A 113 20.53 -16.71 14.32
N PHE A 114 19.24 -16.83 14.65
CA PHE A 114 18.71 -16.18 15.85
C PHE A 114 17.40 -16.78 16.38
N LYS A 115 17.03 -16.42 17.61
CA LYS A 115 15.77 -16.86 18.20
C LYS A 115 14.63 -16.02 17.56
N ASN A 116 13.47 -16.63 17.33
CA ASN A 116 12.33 -15.93 16.75
C ASN A 116 11.80 -14.87 17.71
N ARG A 117 11.78 -13.59 17.27
CA ARG A 117 11.33 -12.46 18.06
C ARG A 117 9.85 -12.56 18.44
N GLU A 118 8.98 -13.00 17.48
CA GLU A 118 7.54 -13.14 17.76
C GLU A 118 7.29 -14.14 18.89
N LEU A 119 8.00 -15.26 18.91
CA LEU A 119 7.92 -16.27 19.96
C LEU A 119 8.36 -15.70 21.29
N GLN A 120 9.48 -14.97 21.34
CA GLN A 120 9.92 -14.35 22.60
C GLN A 120 8.89 -13.39 23.14
N ILE A 121 8.24 -12.61 22.25
CA ILE A 121 7.15 -11.73 22.66
C ILE A 121 5.94 -12.53 23.13
N MET A 122 5.50 -13.53 22.35
CA MET A 122 4.34 -14.34 22.70
C MET A 122 4.47 -15.04 24.05
N ARG A 123 5.67 -15.52 24.37
CA ARG A 123 5.88 -16.25 25.62
C ARG A 123 5.68 -15.40 26.85
N LYS A 124 5.80 -14.07 26.74
CA LYS A 124 5.65 -13.15 27.86
C LYS A 124 4.27 -12.54 27.95
N LEU A 125 3.34 -12.79 27.00
CA LEU A 125 2.03 -12.14 27.04
C LEU A 125 0.93 -12.98 27.67
N ASP A 126 0.13 -12.35 28.50
CA ASP A 126 -1.00 -13.02 29.14
C ASP A 126 -2.12 -12.01 29.30
N HIS A 127 -3.00 -11.92 28.30
CA HIS A 127 -4.10 -10.96 28.33
C HIS A 127 -5.31 -11.55 27.59
N CYS A 128 -6.51 -11.27 28.09
CA CYS A 128 -7.78 -11.77 27.56
C CYS A 128 -8.15 -11.20 26.16
N ASN A 129 -7.53 -10.09 25.77
CA ASN A 129 -7.71 -9.49 24.46
C ASN A 129 -6.53 -9.67 23.51
N ILE A 130 -5.70 -10.68 23.77
CA ILE A 130 -4.58 -11.05 22.94
C ILE A 130 -4.64 -12.55 22.79
N VAL A 131 -4.50 -13.03 21.58
CA VAL A 131 -4.53 -14.46 21.29
C VAL A 131 -3.40 -15.19 22.07
N ARG A 132 -3.78 -16.20 22.83
CA ARG A 132 -2.86 -16.90 23.71
C ARG A 132 -2.01 -17.96 23.04
N LEU A 133 -0.70 -17.94 23.33
CA LEU A 133 0.20 -18.97 22.84
C LEU A 133 0.08 -20.17 23.82
N ARG A 134 -0.57 -21.24 23.38
CA ARG A 134 -0.75 -22.43 24.19
C ARG A 134 0.52 -23.30 24.24
N TYR A 135 1.12 -23.52 23.08
CA TYR A 135 2.31 -24.32 22.88
C TYR A 135 3.07 -23.82 21.71
N PHE A 136 4.32 -24.22 21.59
CA PHE A 136 5.11 -24.05 20.38
C PHE A 136 5.95 -25.33 20.12
N PHE A 137 6.27 -25.60 18.86
CA PHE A 137 7.10 -26.75 18.50
C PHE A 137 7.83 -26.50 17.19
N TYR A 138 8.93 -27.25 16.97
CA TYR A 138 9.66 -27.17 15.71
C TYR A 138 9.31 -28.37 14.85
N SER A 139 9.46 -28.22 13.53
CA SER A 139 9.11 -29.29 12.61
C SER A 139 9.72 -29.04 11.22
N SER A 140 9.46 -29.95 10.28
CA SER A 140 9.81 -29.77 8.88
C SER A 140 8.52 -29.15 8.18
N GLY A 141 8.61 -28.84 6.89
CA GLY A 141 7.50 -28.27 6.15
C GLY A 141 7.64 -28.40 4.65
N GLU A 142 7.25 -27.36 3.89
CA GLU A 142 7.31 -27.34 2.42
C GLU A 142 8.75 -27.36 1.88
N LYS A 143 9.67 -26.65 2.55
CA LYS A 143 11.07 -26.67 2.13
C LYS A 143 11.77 -27.88 2.76
N LYS A 144 12.59 -28.60 1.97
CA LYS A 144 13.28 -29.85 2.36
C LYS A 144 14.25 -29.74 3.57
N ASP A 145 15.34 -28.93 3.49
CA ASP A 145 16.29 -28.86 4.61
C ASP A 145 16.01 -27.69 5.56
N GLU A 146 14.75 -27.27 5.66
CA GLU A 146 14.39 -26.13 6.51
C GLU A 146 13.62 -26.53 7.75
N VAL A 147 13.80 -25.76 8.83
CA VAL A 147 13.11 -25.96 10.10
C VAL A 147 12.02 -24.90 10.28
N TYR A 148 10.85 -25.32 10.71
CA TYR A 148 9.72 -24.44 10.91
C TYR A 148 9.36 -24.30 12.39
N LEU A 149 8.94 -23.09 12.78
CA LEU A 149 8.45 -22.82 14.13
C LEU A 149 6.92 -22.83 14.03
N ASN A 150 6.26 -23.58 14.89
CA ASN A 150 4.82 -23.68 14.90
C ASN A 150 4.30 -23.11 16.21
N LEU A 151 3.44 -22.08 16.13
CA LEU A 151 2.84 -21.46 17.31
C LEU A 151 1.40 -21.92 17.41
N VAL A 152 1.07 -22.68 18.44
CA VAL A 152 -0.27 -23.16 18.70
C VAL A 152 -0.95 -22.11 19.55
N LEU A 153 -1.95 -21.47 18.99
CA LEU A 153 -2.67 -20.35 19.59
C LEU A 153 -4.11 -20.69 19.77
N ASP A 154 -4.82 -19.89 20.55
CA ASP A 154 -6.27 -19.97 20.67
C ASP A 154 -6.91 -19.75 19.28
N TYR A 155 -7.99 -20.42 18.98
CA TYR A 155 -8.69 -20.21 17.72
C TYR A 155 -9.80 -19.19 17.97
N VAL A 156 -9.93 -18.21 17.07
CA VAL A 156 -10.98 -17.18 17.15
C VAL A 156 -11.70 -17.19 15.79
N PRO A 157 -13.04 -17.34 15.73
CA PRO A 157 -13.68 -17.63 14.43
C PRO A 157 -13.81 -16.50 13.41
N GLU A 158 -13.74 -15.24 13.82
CA GLU A 158 -13.94 -14.12 12.87
C GLU A 158 -12.85 -13.08 12.95
N THR A 159 -12.88 -12.08 12.04
CA THR A 159 -12.01 -10.91 12.09
C THR A 159 -12.88 -9.66 11.95
N VAL A 160 -12.41 -8.51 12.44
CA VAL A 160 -13.11 -7.23 12.26
C VAL A 160 -13.17 -6.90 10.75
N TYR A 161 -12.18 -7.35 9.97
CA TYR A 161 -12.17 -7.16 8.52
C TYR A 161 -13.40 -7.82 7.87
N ARG A 162 -13.67 -9.11 8.18
CA ARG A 162 -14.78 -9.87 7.62
C ARG A 162 -16.13 -9.34 8.07
N VAL A 163 -16.28 -9.10 9.38
CA VAL A 163 -17.48 -8.56 9.97
C VAL A 163 -17.81 -7.17 9.39
N ALA A 164 -16.85 -6.23 9.38
CA ALA A 164 -17.09 -4.91 8.78
C ALA A 164 -17.44 -5.00 7.29
N ARG A 165 -16.84 -5.96 6.56
CA ARG A 165 -17.10 -6.20 5.15
C ARG A 165 -18.53 -6.71 4.92
N HIS A 166 -19.06 -7.54 5.84
CA HIS A 166 -20.45 -7.99 5.75
C HIS A 166 -21.39 -6.78 5.86
N TYR A 167 -21.08 -5.82 6.74
CA TYR A 167 -21.89 -4.65 6.91
C TYR A 167 -21.81 -3.74 5.71
N SER A 168 -20.60 -3.51 5.17
CA SER A 168 -20.42 -2.66 4.00
C SER A 168 -21.16 -3.21 2.80
N ARG A 169 -21.04 -4.52 2.53
CA ARG A 169 -21.70 -5.19 1.41
C ARG A 169 -23.25 -5.13 1.49
N ALA A 170 -23.77 -5.05 2.73
CA ALA A 170 -25.20 -4.94 3.00
C ALA A 170 -25.68 -3.49 3.15
N LYS A 171 -24.82 -2.50 2.85
CA LYS A 171 -25.09 -1.07 2.99
C LYS A 171 -25.60 -0.69 4.39
N GLN A 172 -25.09 -1.39 5.42
CA GLN A 172 -25.41 -1.14 6.82
C GLN A 172 -24.12 -0.83 7.56
N THR A 173 -24.21 -0.15 8.71
CA THR A 173 -23.01 0.06 9.55
C THR A 173 -23.09 -0.84 10.75
N LEU A 174 -21.93 -1.23 11.28
CA LEU A 174 -21.84 -2.06 12.47
C LEU A 174 -22.42 -1.27 13.63
N PRO A 175 -23.39 -1.84 14.36
CA PRO A 175 -23.99 -1.12 15.48
C PRO A 175 -22.93 -0.60 16.46
N VAL A 176 -23.14 0.63 16.94
CA VAL A 176 -22.24 1.36 17.81
C VAL A 176 -21.90 0.57 19.06
N ILE A 177 -22.78 -0.32 19.55
CA ILE A 177 -22.47 -1.15 20.72
C ILE A 177 -21.23 -2.05 20.42
N TYR A 178 -21.13 -2.54 19.18
CA TYR A 178 -20.01 -3.36 18.75
C TYR A 178 -18.78 -2.50 18.51
N VAL A 179 -18.96 -1.27 18.00
CA VAL A 179 -17.87 -0.31 17.81
C VAL A 179 -17.18 -0.05 19.18
N LYS A 180 -17.99 0.20 20.23
CA LYS A 180 -17.50 0.42 21.57
C LYS A 180 -16.82 -0.86 22.13
N LEU A 181 -17.47 -2.02 22.06
CA LEU A 181 -16.90 -3.26 22.57
C LEU A 181 -15.55 -3.61 21.92
N TYR A 182 -15.51 -3.63 20.59
CA TYR A 182 -14.33 -3.99 19.86
C TYR A 182 -13.20 -3.01 20.08
N MET A 183 -13.45 -1.70 19.95
CA MET A 183 -12.45 -0.69 20.15
C MET A 183 -11.90 -0.62 21.56
N TYR A 184 -12.76 -0.84 22.56
CA TYR A 184 -12.34 -0.85 23.96
C TYR A 184 -11.34 -1.98 24.21
N GLN A 185 -11.66 -3.20 23.77
CA GLN A 185 -10.82 -4.35 23.92
C GLN A 185 -9.50 -4.18 23.16
N LEU A 186 -9.52 -3.53 21.97
CA LEU A 186 -8.32 -3.23 21.20
C LEU A 186 -7.41 -2.30 22.03
N PHE A 187 -7.98 -1.24 22.60
CA PHE A 187 -7.23 -0.32 23.46
C PHE A 187 -6.69 -1.00 24.71
N ARG A 188 -7.42 -1.96 25.32
CA ARG A 188 -6.91 -2.68 26.48
C ARG A 188 -5.71 -3.51 26.09
N SER A 189 -5.78 -4.22 24.93
CA SER A 189 -4.66 -5.02 24.48
C SER A 189 -3.43 -4.14 24.19
N LEU A 190 -3.64 -2.91 23.70
CA LEU A 190 -2.56 -2.00 23.39
C LEU A 190 -1.96 -1.43 24.66
N ALA A 191 -2.78 -1.11 25.65
CA ALA A 191 -2.29 -0.64 26.96
C ALA A 191 -1.42 -1.73 27.59
N TYR A 192 -1.86 -2.97 27.49
CA TYR A 192 -1.09 -4.10 27.96
C TYR A 192 0.27 -4.23 27.27
N ILE A 193 0.33 -4.35 25.92
CA ILE A 193 1.63 -4.54 25.25
C ILE A 193 2.53 -3.31 25.40
N HIS A 194 1.96 -2.11 25.32
CA HIS A 194 2.70 -0.87 25.49
C HIS A 194 3.28 -0.73 26.91
N SER A 195 2.68 -1.40 27.92
CA SER A 195 3.21 -1.37 29.29
C SER A 195 4.62 -2.04 29.39
N PHE A 196 4.92 -2.97 28.47
CA PHE A 196 6.21 -3.64 28.35
C PHE A 196 7.14 -2.97 27.31
N GLY A 197 6.75 -1.82 26.78
CA GLY A 197 7.50 -1.16 25.72
C GLY A 197 7.27 -1.77 24.34
N ILE A 198 6.41 -2.79 24.23
CA ILE A 198 6.14 -3.49 22.98
C ILE A 198 5.11 -2.77 22.08
N CYS A 199 5.50 -2.49 20.82
CA CYS A 199 4.64 -1.90 19.80
C CYS A 199 4.27 -3.02 18.83
N HIS A 200 2.97 -3.18 18.51
CA HIS A 200 2.51 -4.22 17.58
C HIS A 200 3.00 -3.93 16.15
N ARG A 201 2.85 -2.63 15.72
CA ARG A 201 3.32 -2.08 14.44
C ARG A 201 2.55 -2.58 13.20
N ASP A 202 1.40 -3.25 13.38
CA ASP A 202 0.59 -3.68 12.25
C ASP A 202 -0.88 -3.80 12.64
N ILE A 203 -1.40 -2.79 13.36
CA ILE A 203 -2.81 -2.78 13.77
C ILE A 203 -3.66 -2.51 12.53
N LYS A 204 -4.58 -3.40 12.23
CA LYS A 204 -5.47 -3.33 11.08
C LYS A 204 -6.62 -4.32 11.32
N PRO A 205 -7.77 -4.12 10.63
CA PRO A 205 -8.93 -4.98 10.86
C PRO A 205 -8.68 -6.48 10.77
N GLN A 206 -7.82 -6.91 9.87
N GLN A 206 -7.86 -6.94 9.86
CA GLN A 206 -7.46 -8.32 9.65
CA GLN A 206 -7.55 -8.36 9.72
C GLN A 206 -6.73 -8.97 10.82
C GLN A 206 -6.94 -8.93 11.00
N ASN A 207 -6.07 -8.16 11.66
CA ASN A 207 -5.39 -8.65 12.87
C ASN A 207 -6.22 -8.57 14.14
N LEU A 208 -7.51 -8.25 14.03
CA LEU A 208 -8.42 -8.13 15.16
C LEU A 208 -9.44 -9.26 15.04
N LEU A 209 -9.20 -10.35 15.76
CA LEU A 209 -10.05 -11.53 15.76
C LEU A 209 -11.23 -11.34 16.68
N LEU A 210 -12.38 -11.91 16.36
CA LEU A 210 -13.61 -11.73 17.11
C LEU A 210 -14.36 -13.02 17.31
N ASP A 211 -15.01 -13.17 18.46
CA ASP A 211 -15.94 -14.26 18.67
C ASP A 211 -17.29 -13.51 18.58
N PRO A 212 -18.09 -13.77 17.54
CA PRO A 212 -19.34 -13.00 17.36
C PRO A 212 -20.41 -13.17 18.43
N ASP A 213 -20.45 -14.34 19.05
CA ASP A 213 -21.42 -14.68 20.07
C ASP A 213 -21.09 -14.08 21.41
N THR A 214 -19.80 -14.06 21.77
CA THR A 214 -19.38 -13.51 23.06
C THR A 214 -18.95 -12.05 22.99
N ALA A 215 -18.70 -11.53 21.77
CA ALA A 215 -18.21 -10.19 21.44
C ALA A 215 -16.79 -9.93 21.99
N VAL A 216 -16.00 -11.01 22.20
CA VAL A 216 -14.63 -10.92 22.65
C VAL A 216 -13.75 -10.62 21.42
N LEU A 217 -12.82 -9.66 21.54
CA LEU A 217 -11.85 -9.31 20.52
C LEU A 217 -10.46 -9.78 21.01
N LYS A 218 -9.67 -10.34 20.13
CA LYS A 218 -8.32 -10.75 20.42
C LYS A 218 -7.37 -10.26 19.32
N LEU A 219 -6.39 -9.44 19.71
CA LEU A 219 -5.34 -8.98 18.84
C LEU A 219 -4.46 -10.20 18.47
N CYS A 220 -4.02 -10.25 17.21
CA CYS A 220 -3.18 -11.33 16.74
C CYS A 220 -2.07 -10.80 15.80
N ASP A 221 -1.19 -11.68 15.37
CA ASP A 221 -0.07 -11.39 14.48
C ASP A 221 0.98 -10.50 15.15
N PHE A 222 1.94 -11.14 15.84
CA PHE A 222 3.00 -10.36 16.47
C PHE A 222 4.31 -10.42 15.65
N GLY A 223 4.22 -10.73 14.35
CA GLY A 223 5.31 -10.85 13.39
C GLY A 223 6.07 -9.56 13.15
N SER A 224 5.42 -8.41 13.33
CA SER A 224 6.07 -7.10 13.21
C SER A 224 6.32 -6.45 14.58
N ALA A 225 5.80 -7.02 15.67
CA ALA A 225 5.91 -6.46 17.01
C ALA A 225 7.37 -6.34 17.47
N LYS A 226 7.68 -5.23 18.12
CA LYS A 226 9.02 -4.97 18.59
C LYS A 226 8.98 -4.09 19.83
N GLN A 227 9.93 -4.31 20.77
CA GLN A 227 10.05 -3.41 21.90
C GLN A 227 10.80 -2.17 21.41
N LEU A 228 10.15 -1.01 21.51
CA LEU A 228 10.75 0.25 21.09
C LEU A 228 11.46 0.92 22.27
N VAL A 229 12.79 1.07 22.17
CA VAL A 229 13.53 1.73 23.23
C VAL A 229 14.04 3.08 22.69
N ARG A 230 13.74 4.17 23.40
CA ARG A 230 14.11 5.56 23.08
C ARG A 230 15.59 5.65 22.69
N GLY A 231 15.87 6.27 21.54
CA GLY A 231 17.23 6.40 21.03
C GLY A 231 17.64 5.33 20.04
N GLU A 232 16.93 4.19 20.03
CA GLU A 232 17.21 3.13 19.08
C GLU A 232 16.35 3.41 17.85
N PRO A 233 16.95 3.44 16.65
CA PRO A 233 16.15 3.67 15.45
C PRO A 233 15.40 2.39 15.04
N ASN A 234 14.24 2.57 14.42
CA ASN A 234 13.41 1.43 14.00
C ASN A 234 12.96 1.60 12.56
N VAL A 235 12.81 0.50 11.82
CA VAL A 235 12.40 0.57 10.42
C VAL A 235 11.06 1.27 10.24
N SER A 236 10.99 2.16 9.25
CA SER A 236 9.75 2.89 9.02
C SER A 236 8.80 2.18 8.06
N TYR A 237 9.22 1.06 7.45
CA TYR A 237 8.39 0.36 6.46
C TYR A 237 7.44 -0.66 7.05
N ILE A 238 7.17 -0.57 8.36
CA ILE A 238 6.18 -1.40 8.98
C ILE A 238 4.80 -0.73 8.81
N CYS A 239 3.74 -1.48 9.06
CA CYS A 239 2.38 -1.02 9.07
C CYS A 239 1.73 -1.05 7.72
N SER A 240 0.47 -1.43 7.70
CA SER A 240 -0.25 -1.63 6.45
C SER A 240 -0.93 -0.39 5.95
N ARG A 241 -1.03 -0.32 4.61
CA ARG A 241 -1.72 0.66 3.77
C ARG A 241 -3.10 0.96 4.38
N TYR A 242 -3.37 2.26 4.65
CA TYR A 242 -4.59 2.86 5.24
C TYR A 242 -4.40 3.15 6.72
N TYR A 243 -3.58 2.35 7.42
CA TYR A 243 -3.43 2.45 8.87
C TYR A 243 -2.12 3.04 9.35
N ARG A 244 -1.26 3.48 8.46
CA ARG A 244 0.04 4.01 8.81
C ARG A 244 -0.03 5.44 9.36
N ALA A 245 0.66 5.69 10.48
CA ALA A 245 0.74 7.01 11.09
C ALA A 245 1.49 7.94 10.14
N PRO A 246 1.18 9.24 10.11
CA PRO A 246 1.88 10.15 9.19
C PRO A 246 3.40 10.19 9.37
N GLU A 247 3.91 9.96 10.60
CA GLU A 247 5.35 9.90 10.82
C GLU A 247 5.97 8.71 10.10
N LEU A 248 5.22 7.59 9.95
CA LEU A 248 5.72 6.43 9.20
C LEU A 248 5.77 6.75 7.71
N ILE A 249 4.73 7.41 7.18
CA ILE A 249 4.68 7.80 5.77
C ILE A 249 5.85 8.74 5.44
N PHE A 250 6.17 9.66 6.35
CA PHE A 250 7.31 10.56 6.19
C PHE A 250 8.67 9.88 6.43
N GLY A 251 8.70 8.59 6.73
CA GLY A 251 9.93 7.84 6.94
C GLY A 251 10.69 8.03 8.24
N ALA A 252 9.98 8.34 9.34
CA ALA A 252 10.64 8.49 10.62
C ALA A 252 11.08 7.14 11.16
N THR A 253 12.26 7.10 11.77
CA THR A 253 12.81 5.92 12.42
C THR A 253 12.77 6.07 13.99
N ASP A 254 12.36 7.25 14.50
CA ASP A 254 12.30 7.54 15.93
C ASP A 254 10.85 7.55 16.45
N TYR A 255 9.94 6.84 15.78
CA TYR A 255 8.55 6.76 16.17
C TYR A 255 8.39 5.99 17.50
N THR A 256 7.28 6.23 18.17
CA THR A 256 6.98 5.57 19.45
C THR A 256 5.78 4.60 19.25
N SER A 257 5.30 3.99 20.36
CA SER A 257 4.13 3.12 20.40
C SER A 257 2.84 3.85 20.00
N SER A 258 2.86 5.19 19.93
CA SER A 258 1.70 5.98 19.52
C SER A 258 1.32 5.74 18.05
N ILE A 259 2.17 5.03 17.25
CA ILE A 259 1.83 4.64 15.89
C ILE A 259 0.67 3.64 15.93
N ASP A 260 0.57 2.77 16.97
CA ASP A 260 -0.52 1.81 17.19
C ASP A 260 -1.84 2.53 17.46
N VAL A 261 -1.77 3.67 18.16
CA VAL A 261 -2.91 4.50 18.51
C VAL A 261 -3.46 5.17 17.26
N TRP A 262 -2.59 5.63 16.34
CA TRP A 262 -3.03 6.18 15.07
C TRP A 262 -3.77 5.07 14.28
N SER A 263 -3.17 3.86 14.17
CA SER A 263 -3.76 2.73 13.48
C SER A 263 -5.14 2.38 14.05
N ALA A 264 -5.27 2.32 15.41
CA ALA A 264 -6.54 2.07 16.09
C ALA A 264 -7.59 3.14 15.77
N GLY A 265 -7.19 4.41 15.68
CA GLY A 265 -8.10 5.49 15.29
C GLY A 265 -8.62 5.33 13.87
N CYS A 266 -7.79 4.76 12.96
CA CYS A 266 -8.16 4.49 11.57
C CYS A 266 -9.19 3.35 11.54
N VAL A 267 -9.05 2.33 12.42
CA VAL A 267 -10.00 1.22 12.53
C VAL A 267 -11.33 1.77 13.08
N LEU A 268 -11.30 2.58 14.14
CA LEU A 268 -12.49 3.22 14.67
C LEU A 268 -13.23 4.03 13.60
N ALA A 269 -12.53 4.97 12.91
CA ALA A 269 -13.13 5.79 11.84
C ALA A 269 -13.72 4.91 10.74
N GLU A 270 -13.02 3.83 10.36
CA GLU A 270 -13.48 2.91 9.34
C GLU A 270 -14.75 2.19 9.77
N LEU A 271 -14.86 1.79 11.06
CA LEU A 271 -16.05 1.13 11.55
C LEU A 271 -17.26 2.09 11.56
N LEU A 272 -17.02 3.37 11.83
CA LEU A 272 -18.03 4.42 11.82
C LEU A 272 -18.47 4.80 10.42
N LEU A 273 -17.50 4.90 9.46
CA LEU A 273 -17.73 5.29 8.08
C LEU A 273 -18.22 4.21 7.15
N GLY A 274 -17.78 2.98 7.36
CA GLY A 274 -18.10 1.88 6.45
C GLY A 274 -17.07 1.69 5.34
N GLN A 275 -15.98 2.45 5.38
CA GLN A 275 -14.87 2.42 4.43
C GLN A 275 -13.64 3.08 5.11
N PRO A 276 -12.41 2.82 4.62
CA PRO A 276 -11.24 3.45 5.25
C PRO A 276 -11.29 4.97 5.22
N ILE A 277 -10.88 5.63 6.32
CA ILE A 277 -10.88 7.08 6.35
C ILE A 277 -9.75 7.70 5.49
N PHE A 278 -8.55 7.08 5.45
CA PHE A 278 -7.44 7.65 4.66
C PHE A 278 -6.98 6.68 3.59
N PRO A 279 -7.80 6.44 2.55
CA PRO A 279 -7.37 5.51 1.51
C PRO A 279 -6.25 6.08 0.62
N GLY A 280 -5.64 5.22 -0.18
CA GLY A 280 -4.62 5.58 -1.14
C GLY A 280 -3.65 4.44 -1.31
N ASP A 281 -3.11 4.27 -2.52
CA ASP A 281 -2.12 3.22 -2.77
C ASP A 281 -0.67 3.71 -2.65
N SER A 282 -0.46 5.02 -2.50
CA SER A 282 0.82 5.62 -2.29
C SER A 282 0.74 6.52 -1.04
N GLY A 283 1.89 6.80 -0.44
CA GLY A 283 1.98 7.70 0.72
C GLY A 283 1.46 9.08 0.41
N VAL A 284 1.70 9.61 -0.82
CA VAL A 284 1.20 10.94 -1.23
C VAL A 284 -0.29 10.98 -1.15
N ASP A 285 -0.96 9.99 -1.72
CA ASP A 285 -2.42 9.91 -1.72
C ASP A 285 -2.98 9.83 -0.34
N GLN A 286 -2.35 9.02 0.52
CA GLN A 286 -2.77 8.84 1.92
C GLN A 286 -2.64 10.17 2.64
N LEU A 287 -1.51 10.88 2.46
CA LEU A 287 -1.27 12.20 3.06
C LEU A 287 -2.27 13.25 2.58
N VAL A 288 -2.69 13.20 1.30
CA VAL A 288 -3.71 14.11 0.78
C VAL A 288 -5.02 13.86 1.54
N GLU A 289 -5.40 12.59 1.72
CA GLU A 289 -6.59 12.24 2.47
C GLU A 289 -6.53 12.63 3.94
N ILE A 290 -5.34 12.54 4.54
CA ILE A 290 -5.11 12.91 5.93
C ILE A 290 -5.30 14.41 6.07
N ILE A 291 -4.63 15.19 5.19
CA ILE A 291 -4.70 16.65 5.14
C ILE A 291 -6.09 17.16 4.85
N LYS A 292 -6.88 16.49 4.02
CA LYS A 292 -8.27 16.89 3.78
C LYS A 292 -9.08 16.86 5.07
N VAL A 293 -8.80 15.89 5.97
CA VAL A 293 -9.52 15.79 7.23
C VAL A 293 -8.91 16.67 8.34
N LEU A 294 -7.65 16.46 8.64
CA LEU A 294 -6.94 17.14 9.73
C LEU A 294 -6.47 18.57 9.44
N GLY A 295 -6.51 18.97 8.18
CA GLY A 295 -5.94 20.23 7.77
C GLY A 295 -4.45 20.07 7.53
N THR A 296 -3.80 21.11 7.02
CA THR A 296 -2.36 21.03 6.71
C THR A 296 -1.55 20.99 7.99
N PRO A 297 -0.51 20.13 8.08
CA PRO A 297 0.29 20.12 9.31
C PRO A 297 1.12 21.41 9.39
N THR A 298 1.16 22.00 10.59
CA THR A 298 1.98 23.19 10.80
C THR A 298 3.45 22.78 10.80
N ARG A 299 4.37 23.75 10.72
CA ARG A 299 5.80 23.45 10.68
C ARG A 299 6.27 22.70 11.95
N GLU A 300 5.64 23.00 13.11
CA GLU A 300 5.93 22.36 14.39
C GLU A 300 5.42 20.90 14.39
N GLN A 301 4.19 20.68 13.85
CA GLN A 301 3.59 19.35 13.71
C GLN A 301 4.47 18.49 12.80
N ILE A 302 4.97 19.07 11.69
CA ILE A 302 5.87 18.35 10.78
C ILE A 302 7.14 17.93 11.52
N ARG A 303 7.79 18.90 12.20
CA ARG A 303 9.02 18.63 12.96
C ARG A 303 8.80 17.54 14.01
N GLU A 304 7.65 17.56 14.71
CA GLU A 304 7.27 16.56 15.72
C GLU A 304 7.17 15.13 15.19
N MET A 305 6.78 14.95 13.91
CA MET A 305 6.66 13.60 13.34
C MET A 305 7.78 13.28 12.33
N ASN A 306 7.83 14.04 11.23
CA ASN A 306 8.71 13.89 10.07
C ASN A 306 10.20 14.07 10.33
N PRO A 307 11.03 13.38 9.52
CA PRO A 307 12.48 13.53 9.66
C PRO A 307 13.04 14.50 8.62
N ASN A 308 12.98 15.79 8.94
CA ASN A 308 13.48 16.91 8.10
C ASN A 308 12.64 17.06 6.83
N TYR A 309 11.37 17.43 7.00
CA TYR A 309 10.44 17.75 5.90
C TYR A 309 9.93 19.20 6.03
N THR A 310 10.79 20.11 6.53
CA THR A 310 10.44 21.52 6.73
C THR A 310 10.31 22.26 5.41
N PHE A 312 8.14 22.37 2.45
CA PHE A 312 7.04 21.41 2.48
C PHE A 312 5.98 21.89 1.50
N LYS A 313 6.04 21.39 0.27
CA LYS A 313 5.08 21.78 -0.77
C LYS A 313 3.81 20.95 -0.61
N PHE A 314 2.97 21.32 0.36
CA PHE A 314 1.73 20.58 0.60
C PHE A 314 0.50 21.44 0.29
N PRO A 315 -0.63 20.80 -0.06
CA PRO A 315 -1.84 21.58 -0.33
C PRO A 315 -2.37 22.24 0.95
N GLN A 316 -2.82 23.49 0.84
CA GLN A 316 -3.32 24.21 2.01
C GLN A 316 -4.82 23.99 2.25
N ILE A 317 -5.13 23.23 3.31
CA ILE A 317 -6.48 22.93 3.80
C ILE A 317 -6.57 23.42 5.25
N LYS A 318 -7.66 24.11 5.62
CA LYS A 318 -7.83 24.56 7.01
C LYS A 318 -8.53 23.47 7.82
N HIS A 320 -10.77 20.54 8.26
CA HIS A 320 -12.18 20.28 8.02
C HIS A 320 -12.87 19.82 9.32
N PRO A 321 -14.09 20.32 9.60
CA PRO A 321 -14.78 19.92 10.84
C PRO A 321 -15.00 18.42 10.91
N TRP A 322 -14.59 17.81 12.04
CA TRP A 322 -14.70 16.37 12.25
C TRP A 322 -16.15 15.88 12.24
N THR A 323 -17.10 16.74 12.68
CA THR A 323 -18.53 16.43 12.69
C THR A 323 -19.07 16.14 11.27
N LYS A 324 -18.55 16.86 10.25
CA LYS A 324 -18.97 16.67 8.87
C LYS A 324 -18.31 15.47 8.16
N VAL A 325 -17.32 14.82 8.79
CA VAL A 325 -16.65 13.66 8.22
C VAL A 325 -17.55 12.42 8.28
N PHE A 326 -18.27 12.26 9.39
CA PHE A 326 -19.14 11.11 9.60
C PHE A 326 -20.62 11.38 9.27
N ARG A 327 -21.47 10.32 9.20
CA ARG A 327 -22.89 10.51 8.94
C ARG A 327 -23.54 11.27 10.10
N PRO A 328 -24.65 12.01 9.88
CA PRO A 328 -25.23 12.82 10.95
C PRO A 328 -25.67 12.05 12.20
N ARG A 329 -25.99 10.75 12.06
CA ARG A 329 -26.41 9.95 13.22
C ARG A 329 -25.24 9.48 14.14
N THR A 330 -23.98 9.76 13.74
CA THR A 330 -22.79 9.36 14.50
C THR A 330 -22.73 9.99 15.89
N PRO A 331 -22.52 9.19 16.96
CA PRO A 331 -22.45 9.77 18.31
C PRO A 331 -21.30 10.74 18.44
N PRO A 332 -21.55 11.91 19.07
CA PRO A 332 -20.49 12.92 19.21
C PRO A 332 -19.25 12.46 19.98
N GLU A 333 -19.40 11.52 20.91
CA GLU A 333 -18.26 11.01 21.68
C GLU A 333 -17.33 10.18 20.79
N ALA A 334 -17.87 9.50 19.75
CA ALA A 334 -17.09 8.72 18.78
C ALA A 334 -16.24 9.65 17.95
N ILE A 335 -16.80 10.80 17.51
CA ILE A 335 -16.10 11.81 16.72
C ILE A 335 -15.00 12.47 17.55
N ALA A 336 -15.32 12.78 18.82
CA ALA A 336 -14.36 13.38 19.75
C ALA A 336 -13.20 12.40 20.01
N LEU A 337 -13.50 11.09 20.15
CA LEU A 337 -12.46 10.08 20.35
C LEU A 337 -11.55 10.05 19.08
N CYS A 338 -12.13 10.01 17.86
CA CYS A 338 -11.33 10.04 16.62
C CYS A 338 -10.35 11.20 16.56
N SER A 339 -10.82 12.44 16.76
CA SER A 339 -9.94 13.61 16.68
C SER A 339 -8.81 13.58 17.70
N ARG A 340 -8.98 12.85 18.82
CA ARG A 340 -7.93 12.72 19.84
C ARG A 340 -6.92 11.61 19.55
N LEU A 341 -7.32 10.59 18.77
CA LEU A 341 -6.41 9.52 18.37
C LEU A 341 -5.65 9.92 17.09
N LEU A 342 -6.37 10.56 16.16
CA LEU A 342 -5.81 10.94 14.88
C LEU A 342 -5.28 12.37 14.90
N GLU A 343 -4.13 12.56 15.53
CA GLU A 343 -3.44 13.83 15.70
C GLU A 343 -2.08 13.72 15.03
N TYR A 344 -1.61 14.79 14.36
CA TYR A 344 -0.29 14.79 13.71
C TYR A 344 0.84 14.55 14.69
N THR A 345 0.88 15.33 15.79
CA THR A 345 1.92 15.27 16.80
C THR A 345 1.73 13.99 17.58
N PRO A 346 2.68 13.05 17.47
CA PRO A 346 2.50 11.76 18.14
C PRO A 346 2.22 11.82 19.65
N THR A 347 2.79 12.82 20.37
CA THR A 347 2.57 12.99 21.80
C THR A 347 1.19 13.55 22.13
N ALA A 348 0.52 14.20 21.17
CA ALA A 348 -0.83 14.73 21.41
C ALA A 348 -1.90 13.60 21.42
N ARG A 349 -1.62 12.46 20.77
CA ARG A 349 -2.59 11.37 20.72
C ARG A 349 -2.84 10.81 22.12
N LEU A 350 -4.10 10.43 22.43
CA LEU A 350 -4.45 9.77 23.69
C LEU A 350 -3.64 8.46 23.80
N THR A 351 -3.35 8.03 25.03
CA THR A 351 -2.69 6.73 25.19
C THR A 351 -3.81 5.68 25.11
N PRO A 352 -3.47 4.39 24.92
CA PRO A 352 -4.51 3.35 24.93
C PRO A 352 -5.37 3.33 26.22
N LEU A 353 -4.75 3.50 27.39
CA LEU A 353 -5.47 3.51 28.68
C LEU A 353 -6.35 4.74 28.80
N GLU A 354 -5.90 5.89 28.30
CA GLU A 354 -6.72 7.10 28.28
C GLU A 354 -7.91 6.94 27.36
N ALA A 355 -7.73 6.24 26.23
CA ALA A 355 -8.79 5.96 25.25
C ALA A 355 -9.84 5.05 25.91
N CYS A 356 -9.41 4.02 26.68
CA CYS A 356 -10.32 3.15 27.43
C CYS A 356 -11.26 3.94 28.35
N ALA A 357 -10.71 4.99 29.00
CA ALA A 357 -11.44 5.87 29.94
C ALA A 357 -12.26 6.94 29.25
N HIS A 358 -12.28 6.98 27.89
CA HIS A 358 -13.02 7.98 27.13
C HIS A 358 -14.51 7.81 27.33
N SER A 359 -15.25 8.92 27.30
CA SER A 359 -16.70 8.89 27.50
C SER A 359 -17.44 8.09 26.45
N PHE A 360 -16.84 7.83 25.28
CA PHE A 360 -17.45 7.00 24.25
C PHE A 360 -17.70 5.57 24.79
N PHE A 361 -16.87 5.11 25.76
CA PHE A 361 -17.03 3.77 26.32
C PHE A 361 -17.84 3.72 27.64
N ASP A 362 -18.46 4.85 28.05
CA ASP A 362 -19.27 4.91 29.27
C ASP A 362 -20.40 3.88 29.24
N GLU A 363 -21.02 3.64 28.07
CA GLU A 363 -22.08 2.64 27.95
C GLU A 363 -21.60 1.25 28.40
N LEU A 364 -20.33 0.92 28.11
CA LEU A 364 -19.76 -0.37 28.53
C LEU A 364 -19.66 -0.52 30.05
N ARG A 365 -19.55 0.61 30.76
CA ARG A 365 -19.44 0.65 32.21
C ARG A 365 -20.81 0.65 32.94
N ASP A 366 -21.93 0.76 32.19
CA ASP A 366 -23.28 0.72 32.74
C ASP A 366 -23.53 -0.70 33.21
N PRO A 367 -24.00 -0.86 34.45
CA PRO A 367 -24.24 -2.23 34.97
C PRO A 367 -25.33 -3.00 34.24
N ASN A 368 -26.24 -2.30 33.57
CA ASN A 368 -27.33 -2.97 32.86
C ASN A 368 -27.07 -3.25 31.37
N VAL A 369 -25.84 -2.99 30.87
CA VAL A 369 -25.52 -3.23 29.46
C VAL A 369 -25.51 -4.73 29.14
N LYS A 370 -26.12 -5.09 28.02
CA LYS A 370 -26.19 -6.46 27.53
C LYS A 370 -25.84 -6.48 26.03
N LEU A 371 -25.46 -7.66 25.52
CA LEU A 371 -25.20 -7.82 24.10
C LEU A 371 -26.56 -7.89 23.35
N PRO A 372 -26.62 -7.50 22.06
CA PRO A 372 -27.89 -7.62 21.32
C PRO A 372 -28.45 -9.05 21.32
N ASN A 373 -27.59 -10.07 21.48
CA ASN A 373 -28.04 -11.46 21.54
C ASN A 373 -28.58 -11.91 22.91
N GLY A 374 -28.68 -10.98 23.86
CA GLY A 374 -29.17 -11.21 25.20
C GLY A 374 -28.12 -11.52 26.24
N ARG A 375 -26.95 -12.00 25.80
CA ARG A 375 -25.85 -12.39 26.71
C ARG A 375 -25.21 -11.21 27.42
N ASP A 376 -24.43 -11.49 28.45
CA ASP A 376 -23.66 -10.47 29.16
C ASP A 376 -22.47 -10.06 28.31
N THR A 377 -21.94 -8.87 28.57
CA THR A 377 -20.74 -8.41 27.89
C THR A 377 -19.55 -9.29 28.35
N PRO A 378 -18.46 -9.40 27.55
CA PRO A 378 -17.30 -10.17 28.03
C PRO A 378 -16.56 -9.44 29.17
N ALA A 379 -15.43 -9.98 29.65
CA ALA A 379 -14.62 -9.35 30.70
C ALA A 379 -14.07 -8.01 30.21
N LEU A 380 -14.33 -6.93 30.94
CA LEU A 380 -13.85 -5.59 30.51
C LEU A 380 -13.11 -4.83 31.62
N PHE A 381 -13.24 -5.27 32.89
CA PHE A 381 -12.71 -4.50 34.01
C PHE A 381 -11.69 -5.22 34.88
N ASN A 382 -11.25 -6.42 34.47
CA ASN A 382 -10.24 -7.20 35.16
C ASN A 382 -8.81 -6.68 34.87
N PHE A 383 -8.58 -5.36 35.06
CA PHE A 383 -7.27 -4.75 34.84
C PHE A 383 -6.26 -5.23 35.88
N THR A 384 -4.99 -5.30 35.50
CA THR A 384 -3.90 -5.63 36.40
C THR A 384 -3.10 -4.35 36.72
N THR A 385 -2.16 -4.41 37.68
CA THR A 385 -1.26 -3.32 38.02
C THR A 385 -0.40 -2.99 36.78
N GLN A 386 0.06 -4.04 36.07
CA GLN A 386 0.84 -3.91 34.84
C GLN A 386 0.07 -3.11 33.80
N GLU A 387 -1.16 -3.51 33.54
CA GLU A 387 -2.07 -2.87 32.59
C GLU A 387 -2.37 -1.42 32.90
N LEU A 388 -2.48 -1.08 34.17
CA LEU A 388 -2.78 0.29 34.59
C LEU A 388 -1.55 1.19 34.82
N SER A 389 -0.33 0.62 34.83
CA SER A 389 0.94 1.30 35.19
C SER A 389 1.22 2.65 34.52
N SER A 390 0.71 2.92 33.30
CA SER A 390 0.96 4.21 32.66
C SER A 390 0.21 5.37 33.32
N ASN A 391 -0.91 5.06 34.01
CA ASN A 391 -1.70 6.07 34.69
C ASN A 391 -2.59 5.38 35.72
N PRO A 392 -2.01 4.93 36.85
CA PRO A 392 -2.83 4.27 37.87
C PRO A 392 -4.11 5.00 38.30
N PRO A 393 -4.13 6.35 38.46
CA PRO A 393 -5.41 7.01 38.81
C PRO A 393 -6.59 6.77 37.87
N LEU A 394 -6.35 6.28 36.64
CA LEU A 394 -7.44 6.00 35.71
C LEU A 394 -8.32 4.84 36.15
N ALA A 395 -7.85 3.97 37.08
CA ALA A 395 -8.65 2.86 37.61
C ALA A 395 -9.99 3.33 38.20
N THR A 396 -10.05 4.58 38.64
CA THR A 396 -11.26 5.14 39.19
C THR A 396 -12.39 5.26 38.16
N ILE A 397 -12.03 5.44 36.88
CA ILE A 397 -13.01 5.48 35.80
C ILE A 397 -13.16 4.07 35.22
N LEU A 398 -12.02 3.40 34.97
CA LEU A 398 -11.91 2.11 34.33
C LEU A 398 -12.60 0.95 35.03
N ILE A 399 -12.54 0.90 36.36
CA ILE A 399 -13.21 -0.16 37.11
C ILE A 399 -14.47 0.44 37.73
N PRO A 400 -15.66 0.25 37.11
CA PRO A 400 -16.90 0.85 37.68
C PRO A 400 -17.33 0.21 39.02
N PRO A 401 -18.16 0.88 39.85
CA PRO A 401 -18.49 0.32 41.19
C PRO A 401 -19.03 -1.12 41.21
N HIS A 402 -19.87 -1.47 40.23
CA HIS A 402 -20.45 -2.80 40.17
C HIS A 402 -19.43 -3.89 39.82
N ALA A 403 -18.37 -3.52 39.09
CA ALA A 403 -17.39 -4.48 38.61
C ALA A 403 -16.63 -5.21 39.69
N ARG A 404 -16.60 -6.53 39.60
CA ARG A 404 -15.83 -7.35 40.52
C ARG A 404 -14.92 -8.20 39.67
N ILE A 405 -13.74 -7.68 39.32
CA ILE A 405 -12.77 -8.42 38.48
C ILE A 405 -11.32 -8.19 38.92
N LYS B 57 -25.97 19.56 -22.81
CA LYS B 57 -25.20 20.65 -22.21
C LYS B 57 -23.84 20.83 -22.92
N VAL B 58 -23.65 21.97 -23.63
CA VAL B 58 -22.40 22.29 -24.33
C VAL B 58 -21.63 23.30 -23.52
N THR B 59 -20.38 23.00 -23.18
CA THR B 59 -19.55 23.93 -22.40
C THR B 59 -18.54 24.58 -23.33
N THR B 60 -18.45 25.92 -23.33
CA THR B 60 -17.47 26.60 -24.17
C THR B 60 -16.46 27.32 -23.28
N VAL B 61 -15.18 27.06 -23.52
CA VAL B 61 -14.07 27.65 -22.76
C VAL B 61 -13.07 28.29 -23.74
N VAL B 62 -12.17 29.13 -23.22
CA VAL B 62 -11.10 29.68 -24.02
C VAL B 62 -9.83 29.08 -23.41
N ALA B 63 -9.34 28.04 -24.05
CA ALA B 63 -8.20 27.29 -23.55
C ALA B 63 -6.89 27.68 -24.23
N THR B 64 -5.79 27.58 -23.52
CA THR B 64 -4.48 27.83 -24.07
C THR B 64 -3.95 26.50 -24.64
N PRO B 65 -3.35 26.48 -25.85
CA PRO B 65 -2.78 25.21 -26.36
C PRO B 65 -1.63 24.77 -25.46
N GLY B 66 -1.48 23.46 -25.30
CA GLY B 66 -0.47 22.90 -24.43
C GLY B 66 0.92 23.20 -24.92
N GLN B 67 1.10 23.06 -26.23
CA GLN B 67 2.36 23.27 -26.90
C GLN B 67 2.31 24.48 -27.86
N GLY B 68 3.48 25.03 -28.15
CA GLY B 68 3.58 26.14 -29.08
C GLY B 68 3.30 27.51 -28.48
N PRO B 69 3.06 28.51 -29.34
CA PRO B 69 2.79 29.85 -28.84
C PRO B 69 1.49 29.98 -28.05
N ASP B 70 1.45 30.94 -27.11
CA ASP B 70 0.28 31.18 -26.27
C ASP B 70 -0.84 31.87 -27.05
N ARG B 71 -1.59 31.09 -27.82
CA ARG B 71 -2.68 31.60 -28.62
C ARG B 71 -3.96 30.89 -28.26
N PRO B 72 -4.73 31.42 -27.28
CA PRO B 72 -5.94 30.70 -26.85
C PRO B 72 -6.99 30.51 -27.91
N GLN B 73 -7.81 29.47 -27.77
CA GLN B 73 -8.88 29.23 -28.72
C GLN B 73 -10.15 28.78 -28.06
N GLU B 74 -11.28 29.03 -28.72
CA GLU B 74 -12.57 28.62 -28.19
C GLU B 74 -12.70 27.12 -28.38
N VAL B 75 -12.89 26.40 -27.27
CA VAL B 75 -13.06 24.95 -27.28
C VAL B 75 -14.42 24.64 -26.70
N SER B 76 -15.25 23.94 -27.48
CA SER B 76 -16.57 23.56 -27.04
C SER B 76 -16.63 22.07 -26.89
N TYR B 77 -17.19 21.60 -25.77
CA TYR B 77 -17.32 20.16 -25.53
C TYR B 77 -18.65 19.79 -24.87
N THR B 78 -19.04 18.51 -24.99
CA THR B 78 -20.29 17.98 -24.45
C THR B 78 -20.11 16.49 -24.01
N ASP B 79 -21.19 15.78 -23.58
CA ASP B 79 -21.16 14.36 -23.20
C ASP B 79 -20.10 14.04 -22.15
N THR B 80 -20.02 14.90 -21.14
CA THR B 80 -19.08 14.80 -20.05
C THR B 80 -19.48 13.70 -19.07
N LYS B 81 -18.52 12.83 -18.71
CA LYS B 81 -18.74 11.75 -17.75
C LYS B 81 -17.45 11.46 -17.00
N VAL B 82 -17.54 11.10 -15.71
CA VAL B 82 -16.37 10.78 -14.91
C VAL B 82 -15.80 9.43 -15.36
N ILE B 83 -14.49 9.36 -15.58
CA ILE B 83 -13.79 8.13 -15.96
C ILE B 83 -12.69 7.75 -14.93
N GLY B 84 -12.42 8.62 -13.98
CA GLY B 84 -11.40 8.44 -12.96
C GLY B 84 -11.59 9.38 -11.79
N ASN B 85 -11.28 8.90 -10.62
CA ASN B 85 -11.41 9.60 -9.35
C ASN B 85 -10.18 9.30 -8.52
N GLY B 86 -9.90 10.17 -7.54
CA GLY B 86 -8.76 9.96 -6.67
C GLY B 86 -8.45 11.15 -5.82
N SER B 87 -7.38 11.05 -5.03
CA SER B 87 -6.95 12.13 -4.18
C SER B 87 -6.52 13.37 -5.00
N PHE B 88 -6.04 13.13 -6.25
CA PHE B 88 -5.60 14.12 -7.23
C PHE B 88 -6.74 15.04 -7.66
N GLY B 89 -7.93 14.49 -7.79
CA GLY B 89 -9.11 15.17 -8.29
C GLY B 89 -9.91 14.25 -9.17
N VAL B 90 -10.44 14.74 -10.30
CA VAL B 90 -11.28 13.94 -11.19
C VAL B 90 -10.81 13.98 -12.65
N VAL B 91 -10.94 12.85 -13.37
CA VAL B 91 -10.68 12.74 -14.80
C VAL B 91 -12.03 12.50 -15.47
N TYR B 92 -12.35 13.31 -16.45
CA TYR B 92 -13.60 13.21 -17.19
C TYR B 92 -13.31 12.83 -18.61
N GLN B 93 -14.30 12.27 -19.29
CA GLN B 93 -14.26 12.07 -20.72
C GLN B 93 -15.25 13.15 -21.27
N ALA B 94 -14.93 13.72 -22.43
CA ALA B 94 -15.79 14.71 -23.07
C ALA B 94 -15.65 14.59 -24.58
N LYS B 95 -16.65 15.08 -25.32
CA LYS B 95 -16.63 15.02 -26.77
C LYS B 95 -16.52 16.44 -27.29
N LEU B 96 -15.55 16.69 -28.17
CA LEU B 96 -15.35 18.00 -28.77
C LEU B 96 -16.43 18.19 -29.82
N CYS B 97 -17.24 19.23 -29.69
CA CYS B 97 -18.33 19.54 -30.63
C CYS B 97 -17.86 19.66 -32.08
N ASP B 98 -16.72 20.32 -32.28
CA ASP B 98 -16.13 20.59 -33.57
C ASP B 98 -15.82 19.32 -34.40
N SER B 99 -14.98 18.39 -33.87
CA SER B 99 -14.57 17.20 -34.59
C SER B 99 -15.24 15.89 -34.15
N GLY B 100 -15.94 15.91 -33.04
CA GLY B 100 -16.53 14.71 -32.47
C GLY B 100 -15.52 13.84 -31.71
N GLU B 101 -14.24 14.29 -31.65
CA GLU B 101 -13.16 13.59 -30.98
C GLU B 101 -13.38 13.53 -29.50
N LEU B 102 -13.03 12.37 -28.90
CA LEU B 102 -13.11 12.21 -27.46
C LEU B 102 -11.80 12.67 -26.85
N VAL B 103 -11.90 13.38 -25.72
CA VAL B 103 -10.78 13.88 -24.95
C VAL B 103 -10.96 13.50 -23.48
N ALA B 104 -9.89 13.57 -22.70
CA ALA B 104 -9.95 13.37 -21.26
C ALA B 104 -9.65 14.72 -20.61
N ILE B 105 -10.34 15.07 -19.51
CA ILE B 105 -10.11 16.33 -18.83
C ILE B 105 -9.73 16.05 -17.39
N LYS B 106 -8.47 16.29 -17.01
CA LYS B 106 -8.06 16.12 -15.64
C LYS B 106 -8.31 17.45 -14.92
N LYS B 107 -9.14 17.43 -13.91
CA LYS B 107 -9.48 18.62 -13.15
C LYS B 107 -8.91 18.49 -11.76
N VAL B 108 -8.04 19.43 -11.38
CA VAL B 108 -7.38 19.45 -10.07
C VAL B 108 -7.52 20.83 -9.43
N LEU B 109 -7.49 20.88 -8.11
CA LEU B 109 -7.55 22.10 -7.34
C LEU B 109 -6.22 22.83 -7.56
N GLN B 110 -6.29 24.07 -8.03
CA GLN B 110 -5.09 24.86 -8.30
C GLN B 110 -4.65 25.65 -7.06
N ASP B 111 -3.41 25.45 -6.62
CA ASP B 111 -2.83 26.15 -5.49
C ASP B 111 -2.60 27.63 -5.85
N LYS B 112 -2.96 28.53 -4.95
CA LYS B 112 -2.77 29.96 -5.18
C LYS B 112 -1.31 30.40 -4.92
N ARG B 113 -0.53 29.62 -4.17
CA ARG B 113 0.86 29.96 -3.85
C ARG B 113 1.92 29.63 -4.91
N PHE B 114 1.57 28.83 -5.96
CA PHE B 114 2.56 28.45 -6.97
C PHE B 114 1.96 27.92 -8.27
N LYS B 115 2.78 27.87 -9.33
CA LYS B 115 2.34 27.31 -10.62
C LYS B 115 2.27 25.77 -10.50
N ASN B 116 1.30 25.14 -11.14
CA ASN B 116 1.13 23.69 -11.10
C ASN B 116 2.30 22.99 -11.79
N ARG B 117 3.01 22.13 -11.05
CA ARG B 117 4.17 21.39 -11.55
C ARG B 117 3.82 20.43 -12.69
N GLU B 118 2.68 19.71 -12.58
CA GLU B 118 2.25 18.77 -13.62
C GLU B 118 2.04 19.48 -14.95
N LEU B 119 1.42 20.68 -14.93
CA LEU B 119 1.20 21.49 -16.12
C LEU B 119 2.51 21.93 -16.72
N GLN B 120 3.47 22.41 -15.91
CA GLN B 120 4.78 22.81 -16.42
C GLN B 120 5.48 21.65 -17.09
N ILE B 121 5.35 20.44 -16.53
CA ILE B 121 5.91 19.24 -17.15
C ILE B 121 5.16 18.90 -18.44
N MET B 122 3.81 18.88 -18.39
CA MET B 122 2.96 18.55 -19.54
C MET B 122 3.19 19.43 -20.76
N ARG B 123 3.38 20.76 -20.55
CA ARG B 123 3.64 21.72 -21.63
C ARG B 123 4.97 21.47 -22.38
N LYS B 124 5.96 20.80 -21.77
CA LYS B 124 7.23 20.52 -22.43
C LYS B 124 7.32 19.15 -23.07
N LEU B 125 6.30 18.27 -22.93
CA LEU B 125 6.42 16.92 -23.46
C LEU B 125 5.77 16.72 -24.82
N ASP B 126 6.45 16.01 -25.70
CA ASP B 126 5.93 15.71 -27.03
C ASP B 126 6.45 14.35 -27.45
N HIS B 127 5.70 13.29 -27.14
CA HIS B 127 6.11 11.93 -27.46
C HIS B 127 4.86 11.08 -27.75
N CYS B 128 4.98 10.15 -28.71
CA CYS B 128 3.90 9.29 -29.20
C CYS B 128 3.40 8.26 -28.12
N ASN B 129 4.24 8.00 -27.11
CA ASN B 129 3.92 7.10 -26.01
C ASN B 129 3.62 7.83 -24.70
N ILE B 130 3.25 9.10 -24.79
CA ILE B 130 2.85 9.91 -23.64
C ILE B 130 1.60 10.65 -24.05
N VAL B 131 0.59 10.64 -23.18
CA VAL B 131 -0.69 11.29 -23.45
C VAL B 131 -0.47 12.81 -23.67
N ARG B 132 -1.01 13.30 -24.77
CA ARG B 132 -0.78 14.69 -25.18
C ARG B 132 -1.68 15.72 -24.50
N LEU B 133 -1.09 16.82 -24.01
CA LEU B 133 -1.86 17.92 -23.46
C LEU B 133 -2.30 18.78 -24.64
N ARG B 134 -3.57 18.69 -25.01
CA ARG B 134 -4.14 19.46 -26.12
C ARG B 134 -4.31 20.94 -25.69
N TYR B 135 -4.99 21.18 -24.55
CA TYR B 135 -5.22 22.52 -24.03
C TYR B 135 -5.31 22.51 -22.50
N PHE B 136 -5.22 23.69 -21.88
CA PHE B 136 -5.46 23.84 -20.46
C PHE B 136 -6.27 25.10 -20.21
N PHE B 137 -7.08 25.08 -19.16
CA PHE B 137 -7.87 26.24 -18.80
C PHE B 137 -8.16 26.24 -17.28
N TYR B 138 -8.48 27.42 -16.75
CA TYR B 138 -8.88 27.55 -15.35
C TYR B 138 -10.38 27.68 -15.25
N SER B 139 -10.95 27.29 -14.11
CA SER B 139 -12.39 27.31 -13.92
C SER B 139 -12.75 27.22 -12.43
N SER B 140 -14.05 27.21 -12.13
CA SER B 140 -14.57 26.94 -10.82
C SER B 140 -14.91 25.40 -10.77
N GLY B 141 -15.37 24.90 -9.62
CA GLY B 141 -15.71 23.48 -9.49
C GLY B 141 -16.59 23.20 -8.29
N GLU B 142 -16.32 22.08 -7.59
CA GLU B 142 -17.11 21.67 -6.41
C GLU B 142 -16.91 22.59 -5.19
N LYS B 143 -15.68 23.09 -4.94
CA LYS B 143 -15.38 24.03 -3.83
C LYS B 143 -15.66 25.48 -4.27
N LYS B 144 -16.52 26.21 -3.52
CA LYS B 144 -17.02 27.57 -3.75
C LYS B 144 -16.01 28.68 -4.15
N ASP B 145 -15.03 29.03 -3.29
CA ASP B 145 -14.05 30.07 -3.64
C ASP B 145 -12.73 29.50 -4.16
N GLU B 146 -12.77 28.31 -4.79
CA GLU B 146 -11.56 27.67 -5.30
C GLU B 146 -11.44 27.72 -6.81
N VAL B 147 -10.19 27.75 -7.29
CA VAL B 147 -9.88 27.74 -8.72
C VAL B 147 -9.35 26.36 -9.12
N TYR B 148 -9.82 25.84 -10.24
CA TYR B 148 -9.41 24.53 -10.74
C TYR B 148 -8.62 24.64 -12.03
N LEU B 149 -7.62 23.78 -12.20
CA LEU B 149 -6.83 23.67 -13.41
C LEU B 149 -7.39 22.48 -14.17
N ASN B 150 -7.73 22.68 -15.45
CA ASN B 150 -8.27 21.62 -16.28
C ASN B 150 -7.29 21.31 -17.40
N LEU B 151 -6.83 20.06 -17.48
CA LEU B 151 -5.92 19.61 -18.53
C LEU B 151 -6.69 18.77 -19.52
N VAL B 152 -6.84 19.26 -20.75
CA VAL B 152 -7.51 18.56 -21.82
C VAL B 152 -6.45 17.72 -22.51
N LEU B 153 -6.60 16.42 -22.42
CA LEU B 153 -5.63 15.45 -22.94
C LEU B 153 -6.29 14.57 -23.97
N ASP B 154 -5.47 13.82 -24.71
CA ASP B 154 -5.94 12.80 -25.63
C ASP B 154 -6.73 11.74 -24.83
N TYR B 155 -7.79 11.18 -25.41
CA TYR B 155 -8.52 10.13 -24.73
C TYR B 155 -7.95 8.80 -25.25
N VAL B 156 -7.71 7.84 -24.35
CA VAL B 156 -7.22 6.52 -24.73
C VAL B 156 -8.23 5.53 -24.07
N PRO B 157 -8.80 4.54 -24.78
CA PRO B 157 -9.94 3.78 -24.21
C PRO B 157 -9.69 2.71 -23.16
N GLU B 158 -8.47 2.22 -23.02
CA GLU B 158 -8.19 1.17 -22.02
C GLU B 158 -6.96 1.48 -21.16
N THR B 159 -6.72 0.65 -20.15
CA THR B 159 -5.51 0.71 -19.33
C THR B 159 -4.91 -0.69 -19.26
N VAL B 160 -3.58 -0.80 -19.01
CA VAL B 160 -2.92 -2.10 -18.84
C VAL B 160 -3.56 -2.81 -17.61
N TYR B 161 -4.02 -2.05 -16.60
CA TYR B 161 -4.67 -2.58 -15.42
C TYR B 161 -5.95 -3.38 -15.81
N ARG B 162 -6.84 -2.78 -16.61
CA ARG B 162 -8.09 -3.40 -17.03
C ARG B 162 -7.86 -4.57 -17.96
N VAL B 163 -6.98 -4.42 -18.98
CA VAL B 163 -6.64 -5.46 -19.93
C VAL B 163 -6.04 -6.65 -19.20
N ALA B 164 -5.01 -6.45 -18.36
CA ALA B 164 -4.40 -7.55 -17.59
C ALA B 164 -5.44 -8.24 -16.69
N ARG B 165 -6.39 -7.47 -16.11
CA ARG B 165 -7.44 -7.98 -15.23
C ARG B 165 -8.41 -8.86 -16.03
N HIS B 166 -8.70 -8.53 -17.30
CA HIS B 166 -9.54 -9.37 -18.15
C HIS B 166 -8.86 -10.73 -18.35
N TYR B 167 -7.54 -10.74 -18.53
CA TYR B 167 -6.80 -11.97 -18.72
C TYR B 167 -6.75 -12.79 -17.45
N SER B 168 -6.49 -12.15 -16.29
CA SER B 168 -6.43 -12.84 -15.01
C SER B 168 -7.74 -13.51 -14.67
N ARG B 169 -8.87 -12.79 -14.79
CA ARG B 169 -10.16 -13.35 -14.43
C ARG B 169 -10.58 -14.47 -15.38
N ALA B 170 -10.04 -14.51 -16.62
CA ALA B 170 -10.29 -15.57 -17.60
C ALA B 170 -9.24 -16.72 -17.50
N LYS B 171 -8.36 -16.70 -16.48
CA LYS B 171 -7.28 -17.67 -16.27
C LYS B 171 -6.38 -17.82 -17.51
N GLN B 172 -6.19 -16.71 -18.24
CA GLN B 172 -5.31 -16.66 -19.41
C GLN B 172 -4.23 -15.59 -19.16
N THR B 173 -3.12 -15.67 -19.89
CA THR B 173 -2.11 -14.61 -19.83
C THR B 173 -2.16 -13.80 -21.10
N LEU B 174 -1.77 -12.52 -21.00
CA LEU B 174 -1.70 -11.63 -22.15
C LEU B 174 -0.63 -12.17 -23.11
N PRO B 175 -0.97 -12.36 -24.39
CA PRO B 175 0.03 -12.88 -25.34
C PRO B 175 1.32 -12.08 -25.33
N VAL B 176 2.46 -12.78 -25.38
CA VAL B 176 3.80 -12.22 -25.32
C VAL B 176 4.04 -11.13 -26.35
N ILE B 177 3.38 -11.17 -27.51
CA ILE B 177 3.52 -10.10 -28.52
C ILE B 177 3.05 -8.76 -27.93
N TYR B 178 2.01 -8.78 -27.09
CA TYR B 178 1.49 -7.58 -26.44
C TYR B 178 2.39 -7.17 -25.29
N VAL B 179 2.94 -8.11 -24.52
CA VAL B 179 3.89 -7.82 -23.44
C VAL B 179 5.12 -7.07 -24.05
N LYS B 180 5.64 -7.53 -25.22
CA LYS B 180 6.75 -6.87 -25.90
C LYS B 180 6.33 -5.46 -26.38
N LEU B 181 5.20 -5.34 -27.10
CA LEU B 181 4.73 -4.04 -27.58
C LEU B 181 4.52 -3.03 -26.46
N TYR B 182 3.77 -3.40 -25.44
CA TYR B 182 3.45 -2.51 -24.34
C TYR B 182 4.68 -2.11 -23.56
N MET B 183 5.51 -3.08 -23.14
CA MET B 183 6.72 -2.81 -22.38
C MET B 183 7.74 -1.99 -23.14
N TYR B 184 7.87 -2.23 -24.44
CA TYR B 184 8.79 -1.45 -25.27
C TYR B 184 8.39 0.02 -25.30
N GLN B 185 7.12 0.31 -25.58
CA GLN B 185 6.59 1.66 -25.62
C GLN B 185 6.71 2.34 -24.25
N LEU B 186 6.53 1.59 -23.13
CA LEU B 186 6.68 2.12 -21.79
C LEU B 186 8.15 2.56 -21.60
N PHE B 187 9.11 1.72 -21.97
CA PHE B 187 10.51 2.06 -21.90
C PHE B 187 10.89 3.25 -22.80
N ARG B 188 10.27 3.40 -23.98
CA ARG B 188 10.54 4.57 -24.84
C ARG B 188 10.05 5.83 -24.14
N SER B 189 8.85 5.80 -23.56
CA SER B 189 8.32 6.97 -22.85
C SER B 189 9.20 7.35 -21.64
N LEU B 190 9.80 6.35 -20.99
CA LEU B 190 10.67 6.59 -19.83
C LEU B 190 12.00 7.13 -20.29
N ALA B 191 12.55 6.64 -21.39
CA ALA B 191 13.80 7.15 -21.96
C ALA B 191 13.60 8.65 -22.33
N TYR B 192 12.45 8.96 -22.92
CA TYR B 192 12.09 10.33 -23.25
C TYR B 192 12.03 11.24 -22.01
N ILE B 193 11.20 10.92 -20.97
CA ILE B 193 11.09 11.82 -19.80
C ILE B 193 12.41 11.88 -19.01
N HIS B 194 13.10 10.75 -18.87
CA HIS B 194 14.39 10.69 -18.19
C HIS B 194 15.46 11.52 -18.90
N SER B 195 15.33 11.76 -20.23
CA SER B 195 16.28 12.60 -20.98
C SER B 195 16.26 14.08 -20.52
N PHE B 196 15.13 14.52 -19.95
CA PHE B 196 14.98 15.86 -19.36
C PHE B 196 15.22 15.86 -17.82
N GLY B 197 15.67 14.76 -17.25
CA GLY B 197 15.83 14.62 -15.82
C GLY B 197 14.52 14.33 -15.08
N ILE B 198 13.39 14.23 -15.81
CA ILE B 198 12.07 13.99 -15.23
C ILE B 198 11.79 12.53 -14.87
N CYS B 199 11.43 12.28 -13.59
CA CYS B 199 11.05 10.95 -13.09
C CYS B 199 9.54 10.95 -12.92
N HIS B 200 8.82 9.94 -13.47
CA HIS B 200 7.35 9.83 -13.35
C HIS B 200 6.95 9.58 -11.85
N ARG B 201 7.65 8.65 -11.19
CA ARG B 201 7.49 8.33 -9.77
C ARG B 201 6.17 7.65 -9.41
N ASP B 202 5.40 7.16 -10.40
CA ASP B 202 4.19 6.43 -10.11
C ASP B 202 3.84 5.49 -11.24
N ILE B 203 4.83 4.76 -11.75
CA ILE B 203 4.61 3.80 -12.83
C ILE B 203 3.85 2.59 -12.25
N LYS B 204 2.69 2.31 -12.82
CA LYS B 204 1.81 1.23 -12.40
C LYS B 204 0.84 0.96 -13.54
N PRO B 205 0.25 -0.26 -13.60
CA PRO B 205 -0.65 -0.60 -14.72
C PRO B 205 -1.77 0.39 -15.00
N GLN B 206 -2.32 1.04 -13.98
CA GLN B 206 -3.39 2.02 -14.11
C GLN B 206 -2.96 3.22 -14.93
N ASN B 207 -1.68 3.62 -14.83
CA ASN B 207 -1.16 4.78 -15.54
C ASN B 207 -0.65 4.50 -16.94
N LEU B 208 -0.84 3.27 -17.45
CA LEU B 208 -0.43 2.87 -18.80
C LEU B 208 -1.68 2.73 -19.64
N LEU B 209 -1.99 3.73 -20.43
CA LEU B 209 -3.19 3.72 -21.26
C LEU B 209 -2.94 2.92 -22.54
N LEU B 210 -3.96 2.21 -23.04
CA LEU B 210 -3.84 1.37 -24.22
C LEU B 210 -4.94 1.63 -25.21
N ASP B 211 -4.56 1.62 -26.48
CA ASP B 211 -5.52 1.63 -27.57
C ASP B 211 -5.29 0.21 -28.08
N PRO B 212 -6.19 -0.73 -27.76
CA PRO B 212 -5.91 -2.14 -28.07
C PRO B 212 -5.98 -2.51 -29.56
N ASP B 213 -6.71 -1.72 -30.36
CA ASP B 213 -6.82 -1.93 -31.81
C ASP B 213 -5.47 -1.66 -32.47
N THR B 214 -4.83 -0.54 -32.09
CA THR B 214 -3.55 -0.17 -32.66
C THR B 214 -2.34 -0.68 -31.85
N ALA B 215 -2.56 -1.21 -30.64
CA ALA B 215 -1.54 -1.69 -29.69
C ALA B 215 -0.63 -0.55 -29.18
N VAL B 216 -1.16 0.71 -29.20
CA VAL B 216 -0.46 1.92 -28.78
C VAL B 216 -0.59 2.11 -27.29
N LEU B 217 0.55 2.31 -26.61
CA LEU B 217 0.58 2.58 -25.20
C LEU B 217 0.92 4.05 -24.98
N LYS B 218 0.24 4.68 -24.02
CA LYS B 218 0.50 6.06 -23.65
C LYS B 218 0.58 6.17 -22.13
N LEU B 219 1.72 6.65 -21.63
CA LEU B 219 1.95 6.92 -20.23
C LEU B 219 1.10 8.13 -19.82
N CYS B 220 0.49 8.07 -18.65
CA CYS B 220 -0.33 9.18 -18.17
C CYS B 220 -0.10 9.46 -16.68
N ASP B 221 -0.76 10.49 -16.15
CA ASP B 221 -0.65 10.91 -14.76
C ASP B 221 0.77 11.41 -14.37
N PHE B 222 1.01 12.69 -14.60
CA PHE B 222 2.26 13.33 -14.23
C PHE B 222 2.11 14.14 -12.93
N GLY B 223 1.14 13.78 -12.08
CA GLY B 223 0.85 14.41 -10.80
C GLY B 223 1.94 14.17 -9.77
N SER B 224 2.70 13.09 -9.90
CA SER B 224 3.84 12.82 -9.00
C SER B 224 5.19 13.08 -9.69
N ALA B 225 5.20 13.33 -11.02
CA ALA B 225 6.42 13.55 -11.78
C ALA B 225 7.21 14.75 -11.28
N LYS B 226 8.53 14.58 -11.24
CA LYS B 226 9.42 15.63 -10.79
C LYS B 226 10.78 15.51 -11.45
N GLN B 227 11.43 16.66 -11.73
CA GLN B 227 12.80 16.62 -12.22
C GLN B 227 13.72 16.35 -11.04
N LEU B 228 14.46 15.25 -11.08
CA LEU B 228 15.37 14.89 -10.00
C LEU B 228 16.77 15.44 -10.29
N VAL B 229 17.24 16.35 -9.42
CA VAL B 229 18.58 16.91 -9.61
C VAL B 229 19.46 16.40 -8.45
N ARG B 230 20.62 15.80 -8.79
CA ARG B 230 21.60 15.21 -7.85
C ARG B 230 21.91 16.18 -6.70
N GLY B 231 21.82 15.71 -5.46
CA GLY B 231 22.06 16.54 -4.30
C GLY B 231 20.81 17.14 -3.68
N GLU B 232 19.72 17.21 -4.44
CA GLU B 232 18.45 17.70 -3.92
C GLU B 232 17.71 16.48 -3.36
N PRO B 233 17.25 16.54 -2.10
CA PRO B 233 16.50 15.38 -1.55
C PRO B 233 15.06 15.38 -2.07
N ASN B 234 14.49 14.19 -2.20
CA ASN B 234 13.13 14.04 -2.71
C ASN B 234 12.31 13.14 -1.81
N VAL B 235 11.00 13.39 -1.69
CA VAL B 235 10.14 12.60 -0.80
C VAL B 235 10.14 11.13 -1.17
N SER B 236 10.25 10.26 -0.16
CA SER B 236 10.29 8.83 -0.42
C SER B 236 8.91 8.17 -0.44
N TYR B 237 7.85 8.92 -0.12
CA TYR B 237 6.52 8.35 -0.05
C TYR B 237 5.74 8.37 -1.38
N ILE B 238 6.42 8.60 -2.49
CA ILE B 238 5.79 8.52 -3.81
C ILE B 238 5.77 7.04 -4.26
N CYS B 239 5.00 6.75 -5.33
CA CYS B 239 4.93 5.42 -5.92
C CYS B 239 3.92 4.52 -5.19
N SER B 240 3.26 3.64 -5.93
CA SER B 240 2.18 2.82 -5.41
C SER B 240 2.58 1.42 -5.03
N ARG B 241 1.89 0.87 -3.99
CA ARG B 241 2.01 -0.49 -3.44
C ARG B 241 2.16 -1.51 -4.58
N TYR B 242 3.17 -2.42 -4.49
CA TYR B 242 3.56 -3.47 -5.44
C TYR B 242 4.69 -3.01 -6.35
N TYR B 243 4.69 -1.71 -6.77
CA TYR B 243 5.60 -1.11 -7.76
C TYR B 243 6.74 -0.27 -7.19
N ARG B 244 6.88 -0.20 -5.87
CA ARG B 244 7.89 0.63 -5.25
C ARG B 244 9.27 -0.02 -5.24
N ALA B 245 10.30 0.72 -5.65
CA ALA B 245 11.68 0.23 -5.65
C ALA B 245 12.10 0.00 -4.21
N PRO B 246 12.98 -0.97 -3.93
CA PRO B 246 13.38 -1.23 -2.54
C PRO B 246 14.01 -0.02 -1.83
N GLU B 247 14.69 0.88 -2.55
CA GLU B 247 15.23 2.10 -1.94
C GLU B 247 14.13 3.02 -1.45
N LEU B 248 12.94 3.01 -2.10
CA LEU B 248 11.80 3.81 -1.63
C LEU B 248 11.22 3.19 -0.36
N ILE B 249 11.12 1.85 -0.30
CA ILE B 249 10.62 1.14 0.87
C ILE B 249 11.52 1.41 2.08
N PHE B 250 12.85 1.44 1.85
CA PHE B 250 13.82 1.76 2.88
C PHE B 250 13.87 3.26 3.24
N GLY B 251 13.05 4.10 2.61
CA GLY B 251 12.97 5.54 2.89
C GLY B 251 14.08 6.44 2.37
N ALA B 252 14.72 6.07 1.25
CA ALA B 252 15.75 6.91 0.67
C ALA B 252 15.17 8.16 0.06
N THR B 253 15.86 9.30 0.25
CA THR B 253 15.48 10.58 -0.34
C THR B 253 16.45 10.98 -1.51
N ASP B 254 17.51 10.17 -1.76
CA ASP B 254 18.51 10.41 -2.78
C ASP B 254 18.34 9.46 -3.99
N TYR B 255 17.13 8.95 -4.21
CA TYR B 255 16.86 8.02 -5.30
C TYR B 255 16.96 8.71 -6.65
N THR B 256 17.18 7.94 -7.70
CA THR B 256 17.30 8.48 -9.06
C THR B 256 16.05 8.04 -9.90
N SER B 257 16.06 8.35 -11.22
CA SER B 257 15.06 7.95 -12.19
C SER B 257 14.97 6.42 -12.34
N SER B 258 15.97 5.67 -11.85
CA SER B 258 15.95 4.20 -11.91
C SER B 258 14.82 3.58 -11.06
N ILE B 259 14.12 4.39 -10.20
CA ILE B 259 12.95 3.91 -9.49
C ILE B 259 11.81 3.58 -10.48
N ASP B 260 11.72 4.32 -11.63
CA ASP B 260 10.76 4.08 -12.72
C ASP B 260 11.03 2.74 -13.41
N VAL B 261 12.32 2.38 -13.52
CA VAL B 261 12.77 1.16 -14.14
C VAL B 261 12.40 -0.04 -13.28
N TRP B 262 12.52 0.09 -11.94
CA TRP B 262 12.07 -0.97 -11.03
C TRP B 262 10.54 -1.16 -11.21
N SER B 263 9.77 -0.06 -11.20
CA SER B 263 8.33 -0.10 -11.37
C SER B 263 7.92 -0.77 -12.68
N ALA B 264 8.59 -0.43 -13.79
CA ALA B 264 8.37 -1.04 -15.11
C ALA B 264 8.68 -2.56 -15.10
N GLY B 265 9.73 -2.99 -14.39
CA GLY B 265 10.05 -4.41 -14.24
C GLY B 265 8.97 -5.18 -13.49
N CYS B 266 8.29 -4.52 -12.52
CA CYS B 266 7.18 -5.08 -11.76
C CYS B 266 5.97 -5.27 -12.69
N VAL B 267 5.72 -4.31 -13.60
CA VAL B 267 4.63 -4.38 -14.57
C VAL B 267 4.92 -5.54 -15.56
N LEU B 268 6.16 -5.62 -16.07
CA LEU B 268 6.55 -6.73 -16.95
C LEU B 268 6.34 -8.10 -16.25
N ALA B 269 6.89 -8.30 -15.04
CA ALA B 269 6.73 -9.55 -14.29
C ALA B 269 5.25 -9.87 -14.05
N GLU B 270 4.44 -8.85 -13.73
CA GLU B 270 3.01 -9.01 -13.50
C GLU B 270 2.28 -9.44 -14.78
N LEU B 271 2.67 -8.90 -15.94
CA LEU B 271 2.06 -9.30 -17.22
C LEU B 271 2.42 -10.75 -17.56
N LEU B 272 3.62 -11.19 -17.21
CA LEU B 272 4.09 -12.55 -17.43
C LEU B 272 3.47 -13.55 -16.45
N LEU B 273 3.33 -13.16 -15.16
CA LEU B 273 2.78 -14.00 -14.10
C LEU B 273 1.27 -14.07 -14.03
N GLY B 274 0.58 -12.98 -14.35
CA GLY B 274 -0.87 -12.93 -14.19
C GLY B 274 -1.31 -12.39 -12.84
N GLN B 275 -0.35 -11.94 -12.02
CA GLN B 275 -0.55 -11.37 -10.69
C GLN B 275 0.72 -10.58 -10.32
N PRO B 276 0.64 -9.64 -9.35
CA PRO B 276 1.87 -8.89 -8.97
C PRO B 276 2.98 -9.81 -8.48
N ILE B 277 4.23 -9.50 -8.87
CA ILE B 277 5.38 -10.29 -8.42
C ILE B 277 5.74 -10.04 -6.93
N PHE B 278 5.61 -8.78 -6.44
CA PHE B 278 5.94 -8.49 -5.04
C PHE B 278 4.75 -7.94 -4.29
N PRO B 279 3.72 -8.77 -4.03
CA PRO B 279 2.55 -8.25 -3.30
C PRO B 279 2.84 -7.98 -1.82
N GLY B 280 1.96 -7.25 -1.16
CA GLY B 280 2.12 -6.95 0.26
C GLY B 280 1.47 -5.62 0.58
N ASP B 281 0.76 -5.53 1.73
CA ASP B 281 0.14 -4.26 2.12
C ASP B 281 1.05 -3.40 3.00
N SER B 282 2.19 -3.93 3.42
CA SER B 282 3.19 -3.22 4.18
C SER B 282 4.53 -3.39 3.47
N GLY B 283 5.47 -2.47 3.74
CA GLY B 283 6.82 -2.53 3.21
C GLY B 283 7.53 -3.80 3.60
N VAL B 284 7.32 -4.31 4.85
CA VAL B 284 7.95 -5.56 5.33
C VAL B 284 7.55 -6.71 4.43
N ASP B 285 6.24 -6.84 4.16
CA ASP B 285 5.71 -7.91 3.33
C ASP B 285 6.24 -7.85 1.93
N GLN B 286 6.31 -6.64 1.35
CA GLN B 286 6.87 -6.44 0.01
C GLN B 286 8.32 -6.84 -0.01
N LEU B 287 9.10 -6.42 0.99
CA LEU B 287 10.52 -6.78 1.10
C LEU B 287 10.70 -8.30 1.26
N VAL B 288 9.80 -9.00 1.97
CA VAL B 288 9.88 -10.46 2.11
C VAL B 288 9.70 -11.09 0.74
N GLU B 289 8.71 -10.61 -0.03
CA GLU B 289 8.48 -11.11 -1.39
C GLU B 289 9.65 -10.80 -2.34
N ILE B 290 10.29 -9.63 -2.17
CA ILE B 290 11.41 -9.23 -2.98
C ILE B 290 12.59 -10.15 -2.68
N ILE B 291 12.89 -10.36 -1.40
CA ILE B 291 13.95 -11.23 -0.90
C ILE B 291 13.73 -12.68 -1.31
N LYS B 292 12.47 -13.20 -1.35
CA LYS B 292 12.32 -14.59 -1.78
C LYS B 292 12.62 -14.79 -3.26
N VAL B 293 12.58 -13.71 -4.07
CA VAL B 293 12.95 -13.80 -5.46
C VAL B 293 14.43 -13.46 -5.69
N LEU B 294 14.85 -12.26 -5.28
CA LEU B 294 16.20 -11.75 -5.49
C LEU B 294 17.27 -12.27 -4.54
N GLY B 295 16.86 -12.93 -3.47
CA GLY B 295 17.78 -13.32 -2.40
C GLY B 295 17.99 -12.17 -1.44
N THR B 296 18.71 -12.39 -0.35
CA THR B 296 18.95 -11.33 0.64
C THR B 296 19.89 -10.27 0.09
N PRO B 297 19.60 -8.97 0.30
CA PRO B 297 20.54 -7.95 -0.19
C PRO B 297 21.82 -7.99 0.64
N THR B 298 22.97 -7.91 -0.04
CA THR B 298 24.25 -7.85 0.63
C THR B 298 24.38 -6.47 1.33
N ARG B 299 25.34 -6.32 2.23
CA ARG B 299 25.54 -5.06 2.95
C ARG B 299 25.84 -3.90 1.98
N GLU B 300 26.52 -4.20 0.85
CA GLU B 300 26.86 -3.20 -0.17
C GLU B 300 25.58 -2.79 -0.94
N GLN B 301 24.73 -3.78 -1.28
CA GLN B 301 23.45 -3.55 -1.95
C GLN B 301 22.55 -2.70 -1.06
N ILE B 302 22.54 -2.98 0.25
CA ILE B 302 21.75 -2.21 1.24
C ILE B 302 22.23 -0.75 1.29
N ARG B 303 23.56 -0.55 1.37
CA ARG B 303 24.17 0.78 1.39
C ARG B 303 23.84 1.55 0.11
N GLU B 304 23.88 0.88 -1.06
CA GLU B 304 23.57 1.46 -2.37
C GLU B 304 22.11 1.98 -2.47
N MET B 305 21.16 1.34 -1.71
CA MET B 305 19.75 1.74 -1.62
C MET B 305 19.55 2.84 -0.53
N ASN B 306 19.88 2.53 0.77
CA ASN B 306 19.79 3.42 1.95
C ASN B 306 20.30 2.73 3.24
N PRO B 307 21.10 3.42 4.10
CA PRO B 307 21.55 2.77 5.36
C PRO B 307 20.43 2.60 6.40
N PRO B 315 15.47 -11.93 6.68
CA PRO B 315 15.60 -13.39 6.53
C PRO B 315 16.70 -13.74 5.54
N GLN B 316 17.51 -14.76 5.85
CA GLN B 316 18.60 -15.17 4.97
C GLN B 316 18.16 -16.20 3.93
N ILE B 317 17.98 -15.74 2.69
CA ILE B 317 17.59 -16.59 1.58
C ILE B 317 18.59 -16.39 0.42
N LYS B 318 18.99 -17.49 -0.24
CA LYS B 318 19.93 -17.44 -1.35
C LYS B 318 19.11 -17.21 -2.62
N ALA B 319 19.54 -16.27 -3.48
CA ALA B 319 18.83 -15.84 -4.73
C ALA B 319 18.09 -16.98 -5.48
N HIS B 320 16.75 -17.06 -5.31
CA HIS B 320 15.94 -18.09 -5.99
C HIS B 320 16.09 -17.96 -7.51
N PRO B 321 16.22 -19.09 -8.22
CA PRO B 321 16.38 -19.01 -9.68
C PRO B 321 15.20 -18.31 -10.36
N TRP B 322 15.51 -17.31 -11.21
CA TRP B 322 14.51 -16.52 -11.90
C TRP B 322 13.66 -17.37 -12.86
N THR B 323 14.25 -18.43 -13.43
CA THR B 323 13.58 -19.36 -14.34
C THR B 323 12.40 -20.06 -13.66
N LYS B 324 12.53 -20.37 -12.36
CA LYS B 324 11.47 -21.05 -11.60
C LYS B 324 10.36 -20.10 -11.10
N VAL B 325 10.52 -18.78 -11.25
CA VAL B 325 9.53 -17.79 -10.83
C VAL B 325 8.33 -17.79 -11.79
N PHE B 326 8.62 -17.90 -13.09
CA PHE B 326 7.58 -17.85 -14.11
C PHE B 326 7.15 -19.25 -14.60
N ARG B 327 6.01 -19.33 -15.34
CA ARG B 327 5.55 -20.61 -15.87
C ARG B 327 6.57 -21.16 -16.88
N PRO B 328 6.64 -22.49 -17.07
CA PRO B 328 7.66 -23.05 -17.98
C PRO B 328 7.59 -22.57 -19.44
N ARG B 329 6.42 -22.13 -19.91
CA ARG B 329 6.29 -21.62 -21.28
C ARG B 329 6.86 -20.18 -21.50
N THR B 330 7.27 -19.51 -20.41
CA THR B 330 7.81 -18.13 -20.46
C THR B 330 9.09 -18.02 -21.27
N PRO B 331 9.15 -17.09 -22.24
CA PRO B 331 10.38 -16.94 -23.03
C PRO B 331 11.58 -16.56 -22.16
N PRO B 332 12.73 -17.20 -22.38
CA PRO B 332 13.92 -16.91 -21.55
C PRO B 332 14.41 -15.47 -21.60
N GLU B 333 14.18 -14.76 -22.71
CA GLU B 333 14.59 -13.36 -22.83
C GLU B 333 13.76 -12.45 -21.93
N ALA B 334 12.48 -12.82 -21.66
CA ALA B 334 11.59 -12.08 -20.77
C ALA B 334 12.10 -12.19 -19.34
N ILE B 335 12.54 -13.40 -18.93
CA ILE B 335 13.08 -13.66 -17.60
C ILE B 335 14.41 -12.93 -17.41
N ALA B 336 15.26 -12.96 -18.45
CA ALA B 336 16.54 -12.28 -18.43
C ALA B 336 16.33 -10.77 -18.33
N LEU B 337 15.29 -10.21 -19.02
CA LEU B 337 14.97 -8.78 -18.95
C LEU B 337 14.53 -8.41 -17.53
N CYS B 338 13.64 -9.23 -16.91
CA CYS B 338 13.21 -9.02 -15.51
C CYS B 338 14.39 -8.93 -14.56
N SER B 339 15.30 -9.91 -14.55
CA SER B 339 16.43 -9.91 -13.61
C SER B 339 17.34 -8.71 -13.78
N ARG B 340 17.36 -8.08 -14.97
CA ARG B 340 18.18 -6.89 -15.22
C ARG B 340 17.48 -5.58 -14.80
N LEU B 341 16.14 -5.56 -14.76
CA LEU B 341 15.39 -4.39 -14.32
C LEU B 341 15.22 -4.43 -12.79
N LEU B 342 14.96 -5.62 -12.26
CA LEU B 342 14.71 -5.83 -10.84
C LEU B 342 15.98 -6.21 -10.10
N GLU B 343 16.85 -5.21 -9.89
CA GLU B 343 18.13 -5.31 -9.21
C GLU B 343 18.09 -4.43 -7.99
N TYR B 344 18.71 -4.86 -6.86
CA TYR B 344 18.75 -4.06 -5.64
C TYR B 344 19.47 -2.74 -5.84
N THR B 345 20.70 -2.80 -6.39
CA THR B 345 21.55 -1.63 -6.61
C THR B 345 20.96 -0.82 -7.74
N PRO B 346 20.48 0.39 -7.44
CA PRO B 346 19.82 1.19 -8.48
C PRO B 346 20.63 1.40 -9.77
N THR B 347 21.98 1.51 -9.67
CA THR B 347 22.84 1.70 -10.82
C THR B 347 23.02 0.43 -11.65
N ALA B 348 22.77 -0.74 -11.08
CA ALA B 348 22.87 -2.00 -11.82
C ALA B 348 21.68 -2.22 -12.78
N ARG B 349 20.54 -1.55 -12.53
CA ARG B 349 19.36 -1.73 -13.37
C ARG B 349 19.65 -1.17 -14.77
N LEU B 350 19.11 -1.83 -15.81
CA LEU B 350 19.21 -1.31 -17.18
C LEU B 350 18.54 0.06 -17.25
N THR B 351 18.99 0.92 -18.15
CA THR B 351 18.31 2.21 -18.35
C THR B 351 17.11 1.91 -19.25
N PRO B 352 16.14 2.84 -19.36
CA PRO B 352 15.02 2.60 -20.29
C PRO B 352 15.46 2.35 -21.75
N LEU B 353 16.45 3.11 -22.24
CA LEU B 353 16.96 2.95 -23.60
C LEU B 353 17.68 1.61 -23.77
N GLU B 354 18.40 1.18 -22.73
CA GLU B 354 19.07 -0.13 -22.77
C GLU B 354 18.06 -1.27 -22.79
N ALA B 355 16.93 -1.09 -22.06
CA ALA B 355 15.83 -2.06 -21.99
C ALA B 355 15.19 -2.16 -23.36
N CYS B 356 14.99 -1.04 -24.06
CA CYS B 356 14.46 -1.03 -25.42
C CYS B 356 15.29 -1.91 -26.37
N ALA B 357 16.64 -1.88 -26.20
CA ALA B 357 17.61 -2.64 -27.00
C ALA B 357 17.77 -4.09 -26.56
N HIS B 358 17.00 -4.54 -25.54
CA HIS B 358 17.09 -5.91 -25.03
C HIS B 358 16.61 -6.90 -26.06
N SER B 359 17.20 -8.11 -26.07
CA SER B 359 16.83 -9.15 -27.04
C SER B 359 15.38 -9.60 -26.93
N PHE B 360 14.71 -9.34 -25.80
CA PHE B 360 13.28 -9.65 -25.65
C PHE B 360 12.44 -8.88 -26.69
N PHE B 361 12.91 -7.68 -27.12
CA PHE B 361 12.18 -6.89 -28.10
C PHE B 361 12.67 -7.07 -29.56
N ASP B 362 13.55 -8.06 -29.81
CA ASP B 362 14.06 -8.33 -31.18
C ASP B 362 12.92 -8.64 -32.13
N GLU B 363 11.86 -9.33 -31.68
CA GLU B 363 10.70 -9.63 -32.52
C GLU B 363 10.07 -8.35 -33.08
N LEU B 364 10.06 -7.28 -32.27
CA LEU B 364 9.50 -5.99 -32.70
C LEU B 364 10.29 -5.36 -33.82
N ARG B 365 11.60 -5.68 -33.92
CA ARG B 365 12.51 -5.15 -34.94
C ARG B 365 12.48 -5.95 -36.27
N ASP B 366 11.77 -7.10 -36.30
CA ASP B 366 11.61 -7.92 -37.49
C ASP B 366 10.73 -7.14 -38.44
N PRO B 367 11.17 -7.00 -39.72
CA PRO B 367 10.36 -6.23 -40.68
C PRO B 367 8.99 -6.84 -40.98
N ASN B 368 8.83 -8.15 -40.77
CA ASN B 368 7.57 -8.83 -41.06
C ASN B 368 6.62 -8.99 -39.87
N VAL B 369 6.92 -8.35 -38.73
CA VAL B 369 6.05 -8.46 -37.55
C VAL B 369 4.73 -7.74 -37.80
N LYS B 370 3.62 -8.39 -37.42
CA LYS B 370 2.27 -7.84 -37.55
C LYS B 370 1.52 -8.10 -36.23
N LEU B 371 0.45 -7.34 -35.99
CA LEU B 371 -0.39 -7.57 -34.82
C LEU B 371 -1.25 -8.81 -35.08
N PRO B 372 -1.74 -9.46 -34.00
CA PRO B 372 -2.65 -10.60 -34.19
C PRO B 372 -3.88 -10.27 -35.04
N ASN B 373 -4.34 -9.01 -35.03
CA ASN B 373 -5.49 -8.57 -35.81
C ASN B 373 -5.17 -8.24 -37.28
N GLY B 374 -3.93 -8.49 -37.71
CA GLY B 374 -3.51 -8.25 -39.08
C GLY B 374 -2.87 -6.90 -39.39
N ARG B 375 -3.21 -5.84 -38.61
CA ARG B 375 -2.65 -4.52 -38.93
C ARG B 375 -1.19 -4.37 -38.44
N ASP B 376 -0.49 -3.35 -38.97
CA ASP B 376 0.91 -3.13 -38.67
C ASP B 376 1.11 -2.74 -37.22
N THR B 377 2.32 -2.93 -36.71
CA THR B 377 2.68 -2.47 -35.38
C THR B 377 2.68 -0.93 -35.39
N PRO B 378 2.46 -0.26 -34.23
CA PRO B 378 2.52 1.21 -34.23
C PRO B 378 3.96 1.73 -34.43
N ALA B 379 4.18 3.04 -34.39
CA ALA B 379 5.52 3.63 -34.53
C ALA B 379 6.44 3.13 -33.40
N LEU B 380 7.60 2.55 -33.75
CA LEU B 380 8.52 2.04 -32.72
C LEU B 380 9.97 2.54 -32.88
N PHE B 381 10.33 3.06 -34.07
CA PHE B 381 11.74 3.39 -34.36
C PHE B 381 12.00 4.84 -34.71
N ASN B 382 10.98 5.72 -34.60
CA ASN B 382 11.11 7.13 -34.87
C ASN B 382 11.77 7.88 -33.68
N PHE B 383 12.94 7.39 -33.21
CA PHE B 383 13.65 8.01 -32.11
C PHE B 383 14.20 9.37 -32.53
N THR B 384 14.26 10.31 -31.56
CA THR B 384 14.84 11.62 -31.76
C THR B 384 16.24 11.65 -31.11
N THR B 385 17.01 12.74 -31.36
CA THR B 385 18.32 12.95 -30.73
C THR B 385 18.10 13.06 -29.21
N GLN B 386 17.04 13.76 -28.78
CA GLN B 386 16.68 13.92 -27.37
C GLN B 386 16.48 12.54 -26.72
N GLU B 387 15.65 11.72 -27.34
CA GLU B 387 15.32 10.38 -26.88
C GLU B 387 16.54 9.44 -26.79
N LEU B 388 17.49 9.59 -27.71
CA LEU B 388 18.68 8.73 -27.71
C LEU B 388 19.88 9.29 -26.91
N SER B 389 19.81 10.56 -26.47
CA SER B 389 20.92 11.30 -25.84
C SER B 389 21.66 10.60 -24.69
N SER B 390 21.02 9.69 -23.92
CA SER B 390 21.72 9.00 -22.84
C SER B 390 22.78 8.02 -23.36
N ASN B 391 22.58 7.49 -24.58
CA ASN B 391 23.51 6.52 -25.16
C ASN B 391 23.28 6.50 -26.67
N PRO B 392 23.75 7.56 -27.41
CA PRO B 392 23.55 7.58 -28.87
C PRO B 392 23.99 6.30 -29.61
N PRO B 393 25.13 5.63 -29.28
CA PRO B 393 25.45 4.37 -29.97
C PRO B 393 24.37 3.28 -29.96
N LEU B 394 23.37 3.35 -29.08
CA LEU B 394 22.29 2.34 -29.05
C LEU B 394 21.38 2.39 -30.27
N ALA B 395 21.38 3.51 -31.02
CA ALA B 395 20.60 3.62 -32.25
C ALA B 395 20.94 2.52 -33.26
N THR B 396 22.14 1.91 -33.16
CA THR B 396 22.58 0.82 -34.01
C THR B 396 21.71 -0.42 -33.82
N ILE B 397 21.18 -0.64 -32.61
CA ILE B 397 20.28 -1.77 -32.33
C ILE B 397 18.82 -1.28 -32.49
N LEU B 398 18.52 -0.12 -31.91
CA LEU B 398 17.19 0.48 -31.83
C LEU B 398 16.52 0.78 -33.16
N ILE B 399 17.26 1.28 -34.14
CA ILE B 399 16.69 1.56 -35.46
C ILE B 399 17.15 0.44 -36.39
N PRO B 400 16.29 -0.55 -36.66
CA PRO B 400 16.72 -1.67 -37.52
C PRO B 400 16.99 -1.27 -38.98
N PRO B 401 17.69 -2.13 -39.75
CA PRO B 401 18.01 -1.78 -41.16
C PRO B 401 16.82 -1.35 -42.00
N HIS B 402 15.66 -2.03 -41.88
CA HIS B 402 14.50 -1.65 -42.67
C HIS B 402 13.93 -0.28 -42.33
N ALA B 403 14.33 0.32 -41.21
CA ALA B 403 13.91 1.68 -40.84
C ALA B 403 14.91 2.74 -41.36
N ARG B 404 16.15 2.35 -41.65
CA ARG B 404 17.14 3.26 -42.25
C ARG B 404 17.09 3.26 -43.80
N ILE B 405 16.08 2.60 -44.40
CA ILE B 405 15.95 2.53 -45.83
C ILE B 405 15.54 3.89 -46.37
N GLN B 406 16.51 4.55 -47.08
CA GLN B 406 16.42 5.85 -47.72
C GLN B 406 15.25 5.94 -48.70
#